data_8V5N
#
_entry.id   8V5N
#
_cell.length_a   1.00
_cell.length_b   1.00
_cell.length_c   1.00
_cell.angle_alpha   90.00
_cell.angle_beta   90.00
_cell.angle_gamma   90.00
#
_symmetry.space_group_name_H-M   'P 1'
#
loop_
_entity.id
_entity.type
_entity.pdbx_description
1 polymer 'DNA polymerase alpha catalytic subunit'
2 polymer 'DNA polymerase alpha subunit B'
3 polymer 'DNA primase large subunit'
4 polymer 'DNA primase'
5 non-polymer 'ZINC ION'
#
loop_
_entity_poly.entity_id
_entity_poly.type
_entity_poly.pdbx_seq_one_letter_code
_entity_poly.pdbx_strand_id
1 'polypeptide(L)'
;SNAADGSQVFRFYWLDAYEDQYSQPGVVYLFGKVWIESADAYVSCCVSVKNIERTVYLLPRENRVQLSTGKDTGAPVSMM
HVYQEFNEAVAEKYKIMKFKSKKVDKDYAFEIPDVPASSEYLEVRYSADSPQLPQDLKGETFSHVFGTNTSSLELFLLSR
KIKGPSWLEIKSPQLSSQPMSWCKVEAVVTRPDQVSVVKDLAPPPVVVLSLSMKTVQNAKTHQNEIVAIAALVHHTFPLD
KAPPQPPFQTHFCVLSKLNDCIFPYDYNEAVKQKNANIEIALTERTLLGFFLAKIHKIDPDVIVGHDIYGFDLEVLLQRI
NSCKVPFWSKIGRLRRSVMPKLGGRSGFAERNAACGRIICDIEISAKELIRCKSYHLSELVHQILKAERVVIPPENIRNA
YNDSVHLLYMLENTWIDAKFILQIMCELNVLPLALQITNIAGNVMSRTLMGGRSERNEYLLLHAFTENNFIVPDKPVFKK
MQQTTVEDNDDMGTDQNKNKSRKKAAYAGGLVLEPKVGFYDKFILLLDFNSLYPSIIQEYNICFTTVHREAPSTQKGEDQ
DEIPELPHSDLEMGILPREIRKLVERRRHVKQLMKQPDLNPDLYLQYDIRQKALKLTANSMYGCLGFSYSRFYAKPLAAL
VTHQGREILLHTKEMVQKMNLEVIYGDTDSIMINTNCNNLEEVFKLGNRVKSEINKSYKLLEIDIDGIFKSLLLLKKKKY
AALTVEPTGDGKYVTKQELKGLDIVRRDWCELAKQAGNYVISQILSDQPRDSIVENIQKKLTEIGENVTNGTVPITQYEI
NKALTKDPQDYPDKKSLPHVHVALWINSQGGRKVKAGDTISYVICQDGSNLSASQRAYAQEQLQKQENLSIDTQYYLSQQ
VHPVVARICEPIDGIDSALIAMWLGLDPSQFRAHRHYQQDEENDALLGGPSQLTDEEKYRDCERFKFFCPKCGTENIYDN
VFDGSGLQIEPGLKRCSKPECDASPLDYVIQVHNKLLLDIRRYIKKYYSGWLVCEEKTCQNRTRRLPLSFSRNGPICQAC
SKATLRSEYPEKALYTQLCFYRFIFDWDYALEKVVSEQERGHLKKKLFQESENQYKKLKSTVDQVLSRSGYSEVNLSKLF
QTLNTIK
;
A
2 'polypeptide(L)'
;SNAMSVSAKSIAEELKVFDVNFEDEEVPEKMVELCTVHRLKEEDMVNEWMAFSTTRNLPLTVGNLNLLEHEVLNKKSARP
RPSLKKEKHCGNRDFNTIQELIEVETAEENLLDSYATPAKGSQKRNLSTPEHPQSKRILSINRSPHVLFSPTSFSPSATP
SQKYGSRTNRGEVVTTYGELQGTTWNGGSGSNTNVELFTSLDEPLTKMYKFMFQKLMDIREVVSIKIEELGASLKDHFQI
DEFTSVSLPAQETVTVLGQIGCDSNGKLNSKSVILEGDREHSAGMQVPVDLSELKDYSLFPGQVVIMEGTNSTGRRFVPT
KLYEGVPLPFHQPSKEFEECPQQMVITACGPFTTSDTITYDALKDLIDIVNRDRPDICILLGPFLDAKHEQIENLQLTVT
FEDVFKRCLKMIIEGTRPSGCHLVIVPSLRDVHHDPVYPQPPFSCFEPAKEDKERVHFVADPCTLSVNGVVIGMTSTDLL
FHMGAEEISSSAGAPDRFSRILRHILTQRSYYPLYPPNEEINIDYEALYSYTPMPVTPDVFIVPSELRYFIKDVTGCICI
NPGRLTKGLVGGTYARFLVKSGAMGSEGKRSTCISAQVVRV
;
B
3 'polypeptide(L)'
;MLFSRDRKYRHNTRLTGDRKGDLYPSSLQFYQHPPTENISLIEFETFAIERLKLLKAVENLGVSYVKNSEEYSKKLELEL
RKLKFPYRPLHEEISDDVYDLRRKDHISHFILRLAYCQSEDLRRWFIQQEMDLFKFRFGLLTKESVQEFLKLNDLQYVAI
SEDEKNMHKEDLMNSSFGLSLTKMEDTEFYKVPFQAALDLVRPRKVFLWRGFAFIPHKDIVSIVLNDFRAKLSKALALSA
RSLPVVQSDERLQPLLNHLSHSYIGQDFSSQSNTGKISLEQIDGFAAKSFPLCMRQLHKSLRENHHLRHGGRMQYGLFLK
GIGLTLEQALQFWRLEFTKGKVDSEKFDKVYAYSIRHNYGKEGKRTDYTPYSCMKVILSNPPSQGDYHGCPFRHSDPELL
KQKLQSFKVPSSGINQILELVKGMHYQLACQKYFELTHSVDDCGFSLNHPNQYFAESQKLLTGSREIKKEQTARDSPAVT
ASQLSSSSSSASIPKSQSSAPEMEDLEQIFSEY
;
C
4 'polypeptide(L)'
;GPHMDLSVYDPASLPDVLPLYYRRLFPFYQYFRWLNYGGVVKNYFQHREFSFTLKDDVYVRYQSFNNQSELEKEMQKMCP
YKIDIGAVYSHRPSLHNTVKSGTFQAQEKELVFDIDMTDYDDVRRCCSSADICPKCWTLMTIAVRILDRALAEDFGFKHR
LWVYSGRRGVHCWVCDDSARKLSQAERSAVAEYLSVVKGGEETIKKVQLPETIHPFIGKSLKMVERYFEKYALVDQDILE
NKQCWDKVIALVPEVARESLLREFSKARSSVERWDKLSSCLEATGKDFRRYSNIPKEIMLQFCYPRLDVNVSKGLNHLLK
SPFSVHPKTGRISVPIDCKKLDQFDPFSVPTISLICSELDNVSKKEEDEDSAGEGEPEAKKRTRDYKRTSLAPYIKVFEQ
FLDKLDQSRKGELLNKSDLKKEF
;
D
#
loop_
_chem_comp.id
_chem_comp.type
_chem_comp.name
_chem_comp.formula
ZN non-polymer 'ZINC ION' 'Zn 2'
#
# COMPACT_ATOMS: atom_id res chain seq x y z
N ARG A 940 17.59 -29.64 -5.54
CA ARG A 940 17.95 -30.91 -6.15
C ARG A 940 18.49 -30.76 -7.56
N ASP A 941 18.23 -29.65 -8.24
CA ASP A 941 18.74 -29.41 -9.58
C ASP A 941 19.92 -28.45 -9.59
N CYS A 942 20.46 -28.11 -8.43
CA CYS A 942 21.56 -27.15 -8.33
C CYS A 942 22.89 -27.88 -8.29
N GLU A 943 23.88 -27.32 -8.99
CA GLU A 943 25.23 -27.86 -8.94
C GLU A 943 25.84 -27.67 -7.56
N ARG A 944 26.58 -28.69 -7.12
CA ARG A 944 27.21 -28.64 -5.81
C ARG A 944 28.59 -28.02 -5.94
N PHE A 945 29.14 -27.58 -4.82
CA PHE A 945 30.38 -26.81 -4.84
C PHE A 945 31.57 -27.76 -5.01
N LYS A 946 32.27 -27.65 -6.13
CA LYS A 946 33.42 -28.49 -6.43
C LYS A 946 34.69 -27.70 -6.12
N PHE A 947 35.55 -28.25 -5.28
CA PHE A 947 36.82 -27.62 -4.96
C PHE A 947 37.93 -28.67 -5.03
N PHE A 948 38.96 -28.39 -5.82
CA PHE A 948 40.07 -29.32 -5.95
C PHE A 948 41.10 -29.03 -4.87
N CYS A 949 41.47 -30.07 -4.13
CA CYS A 949 42.44 -29.90 -3.06
C CYS A 949 43.77 -29.42 -3.63
N PRO A 950 44.34 -28.33 -3.11
CA PRO A 950 45.65 -27.90 -3.62
C PRO A 950 46.74 -28.94 -3.44
N LYS A 951 46.67 -29.74 -2.38
CA LYS A 951 47.75 -30.69 -2.10
C LYS A 951 47.61 -31.93 -2.96
N CYS A 952 46.50 -32.66 -2.80
CA CYS A 952 46.33 -33.91 -3.51
C CYS A 952 45.64 -33.76 -4.86
N GLY A 953 44.88 -32.68 -5.06
CA GLY A 953 44.21 -32.47 -6.33
C GLY A 953 42.93 -33.26 -6.52
N THR A 954 42.40 -33.88 -5.47
CA THR A 954 41.16 -34.62 -5.58
C THR A 954 39.97 -33.69 -5.42
N GLU A 955 38.93 -33.92 -6.20
CA GLU A 955 37.74 -33.08 -6.12
C GLU A 955 37.02 -33.32 -4.80
N ASN A 956 36.55 -32.23 -4.21
CA ASN A 956 35.71 -32.27 -3.01
C ASN A 956 34.37 -31.67 -3.38
N ILE A 957 33.31 -32.43 -3.18
CA ILE A 957 31.95 -32.00 -3.45
C ILE A 957 31.33 -31.57 -2.13
N TYR A 958 30.87 -30.33 -2.06
CA TYR A 958 30.23 -29.79 -0.87
C TYR A 958 28.78 -29.53 -1.21
N ASP A 959 27.89 -30.11 -0.40
CA ASP A 959 26.46 -29.95 -0.52
C ASP A 959 25.79 -29.63 0.81
N ASN A 960 26.55 -29.57 1.89
CA ASN A 960 26.01 -29.26 3.20
C ASN A 960 27.12 -28.62 4.03
N VAL A 961 26.71 -27.94 5.09
CA VAL A 961 27.71 -27.32 5.95
C VAL A 961 28.50 -28.37 6.70
N PHE A 962 27.84 -29.45 7.10
CA PHE A 962 28.42 -30.46 7.96
C PHE A 962 28.42 -31.82 7.28
N ASP A 963 29.44 -32.61 7.56
CA ASP A 963 29.59 -33.95 7.00
C ASP A 963 29.80 -34.94 8.12
N GLY A 964 29.14 -36.09 8.01
CA GLY A 964 29.25 -37.13 9.02
C GLY A 964 28.06 -37.14 9.95
N SER A 965 28.07 -38.11 10.86
CA SER A 965 26.99 -38.30 11.82
C SER A 965 27.56 -38.46 13.22
N GLY A 966 26.78 -38.03 14.20
CA GLY A 966 27.17 -38.16 15.59
C GLY A 966 28.38 -37.30 15.92
N LEU A 967 29.16 -37.78 16.89
CA LEU A 967 30.35 -37.06 17.31
C LEU A 967 31.42 -37.02 16.23
N GLN A 968 31.27 -37.81 15.17
CA GLN A 968 32.19 -37.80 14.05
C GLN A 968 31.85 -36.73 13.02
N ILE A 969 30.87 -35.87 13.31
CA ILE A 969 30.42 -34.84 12.38
C ILE A 969 31.32 -33.62 12.54
N GLU A 970 31.78 -33.07 11.41
CA GLU A 970 32.60 -31.88 11.41
C GLU A 970 32.27 -31.06 10.18
N PRO A 971 32.61 -29.77 10.17
CA PRO A 971 32.35 -28.97 8.97
C PRO A 971 33.05 -29.56 7.76
N GLY A 972 32.40 -29.43 6.60
CA GLY A 972 32.90 -30.08 5.40
C GLY A 972 34.31 -29.64 5.04
N LEU A 973 34.61 -28.36 5.25
CA LEU A 973 35.90 -27.81 4.87
C LEU A 973 36.97 -28.04 5.93
N LYS A 974 36.79 -29.00 6.82
CA LYS A 974 37.80 -29.28 7.83
C LYS A 974 38.82 -30.33 7.37
N ARG A 975 38.35 -31.36 6.66
CA ARG A 975 39.21 -32.45 6.22
C ARG A 975 38.94 -32.74 4.75
N CYS A 976 39.99 -33.16 4.05
CA CYS A 976 39.88 -33.51 2.64
C CYS A 976 39.12 -34.83 2.48
N SER A 977 38.52 -35.00 1.30
CA SER A 977 37.77 -36.22 1.03
C SER A 977 38.66 -37.43 0.86
N LYS A 978 39.96 -37.24 0.66
CA LYS A 978 40.89 -38.35 0.49
C LYS A 978 41.46 -38.75 1.84
N PRO A 979 41.22 -39.96 2.33
CA PRO A 979 41.76 -40.33 3.65
C PRO A 979 43.27 -40.18 3.75
N GLU A 980 43.99 -40.51 2.68
CA GLU A 980 45.44 -40.37 2.69
C GLU A 980 45.89 -38.91 2.70
N CYS A 981 45.00 -37.97 2.42
CA CYS A 981 45.34 -36.56 2.37
C CYS A 981 45.03 -35.91 3.71
N ASP A 982 46.04 -35.26 4.29
CA ASP A 982 45.88 -34.56 5.55
C ASP A 982 45.59 -33.07 5.38
N ALA A 983 45.54 -32.59 4.14
CA ALA A 983 45.32 -31.17 3.90
C ALA A 983 43.91 -30.77 4.32
N SER A 984 43.81 -29.61 5.00
CA SER A 984 42.52 -29.08 5.41
C SER A 984 42.12 -27.97 4.46
N PRO A 985 41.00 -28.10 3.74
CA PRO A 985 40.59 -27.00 2.85
C PRO A 985 40.40 -25.69 3.59
N LEU A 986 40.08 -25.74 4.89
CA LEU A 986 39.96 -24.52 5.67
C LEU A 986 41.27 -23.73 5.71
N ASP A 987 42.39 -24.39 5.43
CA ASP A 987 43.65 -23.67 5.34
C ASP A 987 43.70 -22.79 4.11
N TYR A 988 43.21 -23.29 2.98
CA TYR A 988 43.19 -22.54 1.73
C TYR A 988 41.82 -21.88 1.52
N VAL A 989 41.43 -21.05 2.48
CA VAL A 989 40.14 -20.36 2.36
C VAL A 989 40.20 -19.22 1.36
N ILE A 990 41.36 -18.65 1.09
CA ILE A 990 41.47 -17.67 0.01
C ILE A 990 41.15 -18.33 -1.33
N GLN A 991 41.68 -19.53 -1.55
CA GLN A 991 41.38 -20.26 -2.78
C GLN A 991 39.91 -20.62 -2.85
N VAL A 992 39.31 -21.01 -1.72
CA VAL A 992 37.88 -21.32 -1.72
C VAL A 992 37.07 -20.08 -2.08
N HIS A 993 37.44 -18.93 -1.52
CA HIS A 993 36.78 -17.68 -1.87
C HIS A 993 36.88 -17.39 -3.36
N ASN A 994 38.08 -17.54 -3.92
CA ASN A 994 38.28 -17.27 -5.34
C ASN A 994 37.46 -18.22 -6.20
N LYS A 995 37.44 -19.50 -5.86
CA LYS A 995 36.65 -20.46 -6.62
C LYS A 995 35.17 -20.14 -6.51
N LEU A 996 34.72 -19.71 -5.33
CA LEU A 996 33.32 -19.32 -5.18
C LEU A 996 32.97 -18.15 -6.08
N LEU A 997 33.84 -17.13 -6.13
CA LEU A 997 33.57 -15.99 -7.00
C LEU A 997 33.57 -16.42 -8.48
N LEU A 998 34.50 -17.29 -8.86
CA LEU A 998 34.53 -17.76 -10.24
C LEU A 998 33.26 -18.54 -10.58
N ASP A 999 32.78 -19.37 -9.66
CA ASP A 999 31.54 -20.11 -9.90
C ASP A 999 30.35 -19.18 -10.02
N ILE A 1000 30.29 -18.15 -9.17
CA ILE A 1000 29.20 -17.19 -9.27
C ILE A 1000 29.24 -16.48 -10.61
N ARG A 1001 30.43 -16.10 -11.06
CA ARG A 1001 30.56 -15.49 -12.38
C ARG A 1001 30.08 -16.45 -13.47
N ARG A 1002 30.43 -17.73 -13.35
CA ARG A 1002 30.00 -18.71 -14.34
C ARG A 1002 28.49 -18.81 -14.41
N TYR A 1003 27.83 -18.84 -13.25
CA TYR A 1003 26.37 -18.96 -13.25
C TYR A 1003 25.71 -17.69 -13.78
N ILE A 1004 26.24 -16.51 -13.42
CA ILE A 1004 25.68 -15.27 -13.94
C ILE A 1004 25.83 -15.23 -15.45
N LYS A 1005 26.99 -15.64 -15.96
CA LYS A 1005 27.19 -15.69 -17.41
C LYS A 1005 26.20 -16.65 -18.05
N LYS A 1006 25.98 -17.81 -17.44
CA LYS A 1006 25.00 -18.74 -17.97
C LYS A 1006 23.62 -18.10 -18.06
N TYR A 1007 23.23 -17.38 -17.01
CA TYR A 1007 21.91 -16.75 -17.03
C TYR A 1007 21.82 -15.68 -18.11
N TYR A 1008 22.84 -14.84 -18.22
CA TYR A 1008 22.77 -13.74 -19.18
C TYR A 1008 23.07 -14.18 -20.60
N SER A 1009 23.46 -15.44 -20.81
CA SER A 1009 23.58 -15.94 -22.17
C SER A 1009 22.25 -15.88 -22.89
N GLY A 1010 21.15 -16.02 -22.16
CA GLY A 1010 19.84 -15.88 -22.74
C GLY A 1010 19.51 -16.95 -23.76
N TRP A 1011 19.79 -18.20 -23.43
CA TRP A 1011 19.46 -19.30 -24.32
C TRP A 1011 18.00 -19.68 -24.19
N LEU A 1012 17.33 -19.84 -25.33
CA LEU A 1012 15.93 -20.19 -25.38
C LEU A 1012 15.77 -21.49 -26.16
N VAL A 1013 14.88 -22.35 -25.67
CA VAL A 1013 14.58 -23.62 -26.31
C VAL A 1013 13.09 -23.70 -26.55
N CYS A 1014 12.69 -24.22 -27.71
CA CYS A 1014 11.28 -24.41 -27.99
C CYS A 1014 10.72 -25.51 -27.10
N GLU A 1015 9.53 -25.26 -26.55
CA GLU A 1015 8.90 -26.24 -25.66
C GLU A 1015 8.36 -27.45 -26.42
N GLU A 1016 8.22 -27.35 -27.74
CA GLU A 1016 7.72 -28.47 -28.52
C GLU A 1016 8.81 -29.53 -28.65
N LYS A 1017 8.45 -30.78 -28.32
CA LYS A 1017 9.42 -31.86 -28.38
C LYS A 1017 9.90 -32.09 -29.80
N THR A 1018 9.02 -31.93 -30.77
CA THR A 1018 9.34 -32.17 -32.17
C THR A 1018 10.08 -31.02 -32.81
N CYS A 1019 10.27 -29.91 -32.10
CA CYS A 1019 11.04 -28.78 -32.60
C CYS A 1019 12.34 -28.58 -31.82
N GLN A 1020 12.25 -28.36 -30.51
CA GLN A 1020 13.43 -28.20 -29.66
C GLN A 1020 14.44 -27.26 -30.30
N ASN A 1021 13.93 -26.17 -30.87
CA ASN A 1021 14.81 -25.18 -31.48
C ASN A 1021 15.52 -24.39 -30.39
N ARG A 1022 16.83 -24.25 -30.54
CA ARG A 1022 17.68 -23.59 -29.56
C ARG A 1022 18.27 -22.33 -30.18
N THR A 1023 17.93 -21.17 -29.61
CA THR A 1023 18.38 -19.90 -30.15
C THR A 1023 18.77 -18.96 -29.03
N ARG A 1024 19.71 -18.08 -29.32
CA ARG A 1024 20.08 -16.99 -28.44
C ARG A 1024 19.23 -15.75 -28.67
N ARG A 1025 18.62 -15.64 -29.86
CA ARG A 1025 17.90 -14.45 -30.25
C ARG A 1025 16.47 -14.52 -29.72
N LEU A 1026 16.06 -13.48 -29.00
CA LEU A 1026 14.68 -13.38 -28.55
C LEU A 1026 13.87 -12.65 -29.61
N PRO A 1027 12.86 -13.26 -30.22
CA PRO A 1027 12.07 -12.56 -31.22
C PRO A 1027 11.01 -11.68 -30.58
N LEU A 1028 10.73 -10.56 -31.25
CA LEU A 1028 9.70 -9.64 -30.78
C LEU A 1028 8.28 -10.16 -30.99
N SER A 1029 8.10 -11.26 -31.72
CA SER A 1029 6.78 -11.82 -31.97
C SER A 1029 6.39 -12.67 -30.77
N PHE A 1030 5.37 -12.25 -30.04
CA PHE A 1030 4.95 -12.90 -28.81
C PHE A 1030 3.51 -13.39 -28.92
N SER A 1031 3.27 -14.56 -28.35
CA SER A 1031 1.92 -15.03 -28.08
C SER A 1031 1.54 -14.63 -26.64
N ARG A 1032 0.38 -15.07 -26.20
CA ARG A 1032 -0.02 -14.81 -24.81
C ARG A 1032 0.90 -15.49 -23.81
N ASN A 1033 1.60 -16.56 -24.21
CA ASN A 1033 2.44 -17.31 -23.29
C ASN A 1033 3.90 -16.89 -23.33
N GLY A 1034 4.32 -16.15 -24.35
CA GLY A 1034 5.69 -15.72 -24.46
C GLY A 1034 6.19 -15.70 -25.89
N PRO A 1035 7.51 -15.64 -26.08
CA PRO A 1035 8.05 -15.56 -27.43
C PRO A 1035 7.64 -16.77 -28.28
N ILE A 1036 7.30 -16.49 -29.53
CA ILE A 1036 6.89 -17.51 -30.48
C ILE A 1036 8.13 -18.03 -31.21
N CYS A 1037 8.32 -19.35 -31.18
CA CYS A 1037 9.46 -19.95 -31.86
C CYS A 1037 9.38 -19.70 -33.35
N GLN A 1038 10.46 -19.17 -33.92
CA GLN A 1038 10.47 -18.82 -35.34
C GLN A 1038 10.84 -20.00 -36.24
N ALA A 1039 11.15 -21.16 -35.66
CA ALA A 1039 11.39 -22.35 -36.46
C ALA A 1039 10.09 -23.04 -36.85
N CYS A 1040 9.17 -23.18 -35.90
CA CYS A 1040 7.89 -23.82 -36.15
C CYS A 1040 6.72 -22.86 -36.13
N SER A 1041 6.86 -21.70 -35.52
CA SER A 1041 5.83 -20.66 -35.50
C SER A 1041 4.57 -21.10 -34.75
N LYS A 1042 4.68 -22.11 -33.89
CA LYS A 1042 3.51 -22.65 -33.21
C LYS A 1042 3.76 -23.00 -31.75
N ALA A 1043 4.93 -22.70 -31.19
CA ALA A 1043 5.24 -23.06 -29.82
C ALA A 1043 6.05 -21.94 -29.18
N THR A 1044 6.09 -21.96 -27.85
CA THR A 1044 6.71 -20.90 -27.09
C THR A 1044 8.17 -21.23 -26.78
N LEU A 1045 9.00 -20.21 -26.77
CA LEU A 1045 10.39 -20.33 -26.39
C LEU A 1045 10.52 -20.13 -24.89
N ARG A 1046 11.17 -21.07 -24.22
CA ARG A 1046 11.37 -21.02 -22.78
C ARG A 1046 12.86 -20.84 -22.51
N SER A 1047 13.17 -20.08 -21.46
CA SER A 1047 14.56 -19.86 -21.11
C SER A 1047 15.20 -21.17 -20.66
N GLU A 1048 16.40 -21.43 -21.17
CA GLU A 1048 17.11 -22.63 -20.76
C GLU A 1048 17.58 -22.52 -19.31
N TYR A 1049 17.97 -21.32 -18.88
CA TYR A 1049 18.41 -21.06 -17.52
C TYR A 1049 17.63 -19.87 -16.98
N PRO A 1050 16.41 -20.11 -16.48
CA PRO A 1050 15.57 -18.99 -16.03
C PRO A 1050 16.14 -18.32 -14.79
N GLU A 1051 15.53 -17.20 -14.43
CA GLU A 1051 15.97 -16.44 -13.26
C GLU A 1051 15.84 -17.27 -11.99
N LYS A 1052 14.79 -18.08 -11.89
CA LYS A 1052 14.62 -18.91 -10.71
C LYS A 1052 15.79 -19.88 -10.55
N ALA A 1053 16.30 -20.40 -11.65
CA ALA A 1053 17.44 -21.32 -11.57
C ALA A 1053 18.65 -20.64 -10.95
N LEU A 1054 18.98 -19.44 -11.43
CA LEU A 1054 20.12 -18.72 -10.88
C LEU A 1054 19.90 -18.35 -9.42
N TYR A 1055 18.69 -17.90 -9.09
CA TYR A 1055 18.38 -17.56 -7.71
C TYR A 1055 18.54 -18.77 -6.80
N THR A 1056 18.06 -19.93 -7.24
CA THR A 1056 18.16 -21.14 -6.43
C THR A 1056 19.62 -21.58 -6.30
N GLN A 1057 20.41 -21.39 -7.36
CA GLN A 1057 21.82 -21.73 -7.27
C GLN A 1057 22.54 -20.87 -6.24
N LEU A 1058 22.28 -19.57 -6.27
CA LEU A 1058 22.90 -18.69 -5.28
C LEU A 1058 22.40 -19.02 -3.88
N CYS A 1059 21.11 -19.32 -3.74
CA CYS A 1059 20.58 -19.71 -2.44
C CYS A 1059 21.22 -21.00 -1.95
N PHE A 1060 21.49 -21.94 -2.85
CA PHE A 1060 22.14 -23.18 -2.45
C PHE A 1060 23.57 -22.92 -2.00
N TYR A 1061 24.29 -22.06 -2.72
CA TYR A 1061 25.64 -21.74 -2.29
C TYR A 1061 25.64 -21.06 -0.94
N ARG A 1062 24.61 -20.24 -0.66
CA ARG A 1062 24.46 -19.70 0.69
C ARG A 1062 24.15 -20.80 1.70
N PHE A 1063 23.32 -21.76 1.30
CA PHE A 1063 22.90 -22.84 2.18
C PHE A 1063 24.09 -23.70 2.61
N ILE A 1064 24.98 -24.01 1.68
CA ILE A 1064 26.12 -24.87 1.97
C ILE A 1064 27.16 -24.15 2.83
N PHE A 1065 26.89 -22.89 3.20
CA PHE A 1065 27.76 -22.15 4.11
C PHE A 1065 27.00 -21.52 5.27
N ASP A 1066 25.75 -21.91 5.51
CA ASP A 1066 24.93 -21.33 6.56
C ASP A 1066 25.12 -22.15 7.84
N TRP A 1067 26.04 -21.71 8.70
CA TRP A 1067 26.31 -22.44 9.94
C TRP A 1067 25.07 -22.47 10.84
N ASP A 1068 24.47 -21.30 11.08
CA ASP A 1068 23.36 -21.22 12.01
C ASP A 1068 22.17 -22.03 11.53
N TYR A 1069 21.83 -21.92 10.25
CA TYR A 1069 20.70 -22.67 9.71
C TYR A 1069 20.95 -24.16 9.82
N ALA A 1070 22.17 -24.60 9.48
CA ALA A 1070 22.47 -26.02 9.56
C ALA A 1070 22.33 -26.50 11.00
N LEU A 1071 22.84 -25.71 11.95
CA LEU A 1071 22.74 -26.11 13.35
C LEU A 1071 21.29 -26.24 13.78
N GLU A 1072 20.44 -25.29 13.38
CA GLU A 1072 19.06 -25.31 13.84
C GLU A 1072 18.26 -26.41 13.15
N LYS A 1073 18.33 -26.48 11.82
CA LYS A 1073 17.47 -27.38 11.05
C LYS A 1073 18.12 -28.72 10.73
N VAL A 1074 19.25 -28.69 10.02
CA VAL A 1074 19.82 -29.93 9.49
C VAL A 1074 20.34 -30.82 10.61
N VAL A 1075 21.08 -30.24 11.55
CA VAL A 1075 21.80 -31.04 12.54
C VAL A 1075 20.84 -31.56 13.59
N SER A 1076 21.18 -32.71 14.16
CA SER A 1076 20.39 -33.35 15.21
C SER A 1076 20.70 -32.71 16.56
N GLU A 1077 20.24 -33.34 17.63
CA GLU A 1077 20.43 -32.77 18.97
C GLU A 1077 21.85 -33.03 19.49
N GLN A 1078 22.25 -34.30 19.53
CA GLN A 1078 23.61 -34.61 20.00
C GLN A 1078 24.66 -34.00 19.09
N GLU A 1079 24.42 -34.05 17.78
CA GLU A 1079 25.35 -33.43 16.84
C GLU A 1079 25.40 -31.91 17.05
N ARG A 1080 24.25 -31.29 17.31
CA ARG A 1080 24.24 -29.86 17.58
C ARG A 1080 25.05 -29.55 18.83
N GLY A 1081 24.90 -30.36 19.87
CA GLY A 1081 25.68 -30.14 21.07
C GLY A 1081 27.17 -30.28 20.80
N HIS A 1082 27.56 -31.29 20.02
CA HIS A 1082 28.97 -31.48 19.73
C HIS A 1082 29.53 -30.35 18.88
N LEU A 1083 28.69 -29.73 18.04
CA LEU A 1083 29.15 -28.66 17.15
C LEU A 1083 29.03 -27.28 17.78
N LYS A 1084 28.32 -27.14 18.90
CA LYS A 1084 28.12 -25.84 19.53
C LYS A 1084 29.12 -25.57 20.64
N LYS A 1085 30.34 -26.08 20.50
CA LYS A 1085 31.41 -25.89 21.46
C LYS A 1085 32.58 -25.18 20.79
N LYS A 1086 33.64 -24.97 21.56
CA LYS A 1086 34.90 -24.53 20.99
C LYS A 1086 35.50 -25.66 20.16
N LEU A 1087 36.67 -25.42 19.59
CA LEU A 1087 37.36 -26.25 18.61
C LEU A 1087 36.72 -26.09 17.22
N PHE A 1088 35.61 -25.35 17.10
CA PHE A 1088 34.99 -25.07 15.81
C PHE A 1088 34.73 -23.59 15.59
N GLN A 1089 35.14 -22.73 16.53
CA GLN A 1089 34.89 -21.30 16.38
C GLN A 1089 35.59 -20.73 15.15
N GLU A 1090 36.84 -21.13 14.93
CA GLU A 1090 37.54 -20.65 13.74
C GLU A 1090 36.85 -21.09 12.47
N SER A 1091 36.41 -22.36 12.41
CA SER A 1091 35.66 -22.83 11.26
C SER A 1091 34.36 -22.06 11.11
N GLU A 1092 33.69 -21.75 12.23
CA GLU A 1092 32.47 -20.96 12.16
C GLU A 1092 32.74 -19.59 11.58
N ASN A 1093 33.83 -18.94 11.98
CA ASN A 1093 34.15 -17.62 11.46
C ASN A 1093 34.45 -17.67 9.98
N GLN A 1094 35.21 -18.68 9.55
CA GLN A 1094 35.52 -18.80 8.13
C GLN A 1094 34.26 -19.06 7.32
N TYR A 1095 33.36 -19.90 7.84
CA TYR A 1095 32.12 -20.16 7.15
C TYR A 1095 31.26 -18.91 7.06
N LYS A 1096 31.25 -18.09 8.12
CA LYS A 1096 30.53 -16.83 8.07
C LYS A 1096 31.10 -15.92 7.01
N LYS A 1097 32.43 -15.84 6.93
CA LYS A 1097 33.05 -15.02 5.90
C LYS A 1097 32.69 -15.52 4.50
N LEU A 1098 32.70 -16.84 4.31
CA LEU A 1098 32.37 -17.38 2.99
C LEU A 1098 30.91 -17.13 2.63
N LYS A 1099 30.01 -17.23 3.61
CA LYS A 1099 28.60 -16.93 3.37
C LYS A 1099 28.40 -15.45 3.07
N SER A 1100 29.25 -14.59 3.62
CA SER A 1100 29.15 -13.17 3.33
C SER A 1100 29.26 -12.89 1.85
N THR A 1101 30.07 -13.66 1.13
CA THR A 1101 30.23 -13.45 -0.31
C THR A 1101 28.92 -13.71 -1.05
N VAL A 1102 28.30 -14.85 -0.78
CA VAL A 1102 27.06 -15.18 -1.45
C VAL A 1102 25.95 -14.22 -1.04
N ASP A 1103 25.96 -13.80 0.23
CA ASP A 1103 24.99 -12.80 0.67
C ASP A 1103 25.17 -11.49 -0.07
N GLN A 1104 26.42 -11.07 -0.27
CA GLN A 1104 26.68 -9.85 -1.02
C GLN A 1104 26.16 -9.97 -2.43
N VAL A 1105 26.41 -11.10 -3.08
CA VAL A 1105 25.94 -11.29 -4.45
C VAL A 1105 24.42 -11.25 -4.48
N LEU A 1106 23.77 -11.93 -3.56
CA LEU A 1106 22.31 -11.98 -3.56
C LEU A 1106 21.71 -10.62 -3.26
N SER A 1107 22.40 -9.78 -2.49
CA SER A 1107 21.91 -8.45 -2.21
C SER A 1107 21.80 -7.60 -3.47
N ARG A 1108 22.52 -7.96 -4.53
CA ARG A 1108 22.51 -7.25 -5.79
C ARG A 1108 21.58 -7.89 -6.82
N SER A 1109 20.77 -8.84 -6.41
CA SER A 1109 19.86 -9.56 -7.30
C SER A 1109 18.45 -8.99 -7.17
N GLY A 1110 17.82 -8.71 -8.30
CA GLY A 1110 16.44 -8.24 -8.29
C GLY A 1110 15.42 -9.32 -8.03
N TYR A 1111 15.78 -10.58 -8.24
CA TYR A 1111 14.85 -11.68 -8.01
C TYR A 1111 14.60 -11.93 -6.53
N SER A 1112 16.39 -11.03 -4.68
CA SER A 1112 16.56 -11.28 -3.24
C SER A 1112 15.98 -10.18 -2.37
N GLU A 1113 15.37 -9.16 -2.96
CA GLU A 1113 14.82 -8.03 -2.21
C GLU A 1113 13.35 -7.87 -2.53
N VAL A 1114 12.55 -7.64 -1.48
CA VAL A 1114 11.13 -7.36 -1.61
C VAL A 1114 10.89 -5.94 -1.14
N ASN A 1115 10.36 -5.10 -2.03
CA ASN A 1115 10.07 -3.71 -1.73
C ASN A 1115 8.67 -3.65 -1.14
N LEU A 1116 8.58 -3.53 0.18
CA LEU A 1116 7.28 -3.51 0.84
C LEU A 1116 6.51 -2.25 0.51
N SER A 1117 7.18 -1.18 0.11
CA SER A 1117 6.47 0.02 -0.30
C SER A 1117 5.60 -0.24 -1.53
N LYS A 1118 6.12 -1.03 -2.48
CA LYS A 1118 5.34 -1.32 -3.67
C LYS A 1118 4.14 -2.21 -3.36
N LEU A 1119 4.28 -3.10 -2.38
CA LEU A 1119 3.18 -4.00 -2.03
C LEU A 1119 2.08 -3.25 -1.29
N PHE A 1120 2.43 -2.65 -0.15
CA PHE A 1120 1.49 -1.92 0.67
C PHE A 1120 1.58 -0.43 0.33
N GLN A 1121 0.46 0.15 -0.06
CA GLN A 1121 0.43 1.55 -0.46
C GLN A 1121 -0.68 2.30 0.26
N GLN B 162 60.70 -11.55 -18.50
CA GLN B 162 62.00 -11.66 -19.18
C GLN B 162 61.94 -10.97 -20.55
N LYS B 163 61.02 -11.44 -21.40
CA LYS B 163 60.90 -10.85 -22.72
C LYS B 163 60.49 -9.38 -22.64
N TYR B 164 59.54 -9.06 -21.77
CA TYR B 164 59.07 -7.68 -21.67
C TYR B 164 60.18 -6.75 -21.18
N GLY B 165 60.94 -7.18 -20.18
CA GLY B 165 61.95 -6.32 -19.58
C GLY B 165 63.10 -5.98 -20.49
N SER B 166 63.36 -6.80 -21.51
CA SER B 166 64.49 -6.62 -22.41
C SER B 166 64.07 -6.07 -23.76
N ARG B 167 62.88 -5.49 -23.87
CA ARG B 167 62.43 -4.96 -25.14
C ARG B 167 63.29 -3.78 -25.58
N THR B 168 63.37 -3.59 -26.90
CA THR B 168 64.24 -2.59 -27.48
C THR B 168 63.49 -1.44 -28.16
N ASN B 169 62.20 -1.59 -28.42
CA ASN B 169 61.40 -0.57 -29.10
C ASN B 169 60.65 0.32 -28.12
N ARG B 170 61.23 0.58 -26.95
CA ARG B 170 60.59 1.43 -25.97
C ARG B 170 60.37 2.83 -26.54
N GLY B 171 59.17 3.35 -26.36
CA GLY B 171 58.85 4.71 -26.76
C GLY B 171 58.62 4.92 -28.24
N GLU B 172 58.66 3.87 -29.04
CA GLU B 172 58.49 4.03 -30.47
C GLU B 172 57.07 4.48 -30.78
N VAL B 173 56.93 5.47 -31.65
CA VAL B 173 55.63 5.97 -32.08
C VAL B 173 55.17 5.07 -33.23
N VAL B 174 54.23 4.18 -32.92
CA VAL B 174 53.78 3.24 -33.95
C VAL B 174 52.71 3.84 -34.85
N THR B 175 52.01 4.88 -34.41
CA THR B 175 51.04 5.52 -35.27
C THR B 175 50.91 6.99 -34.89
N THR B 176 50.64 7.83 -35.89
CA THR B 176 50.55 9.26 -35.67
C THR B 176 49.39 9.84 -36.47
N TYR B 177 48.83 10.93 -35.96
CA TYR B 177 47.76 11.65 -36.63
C TYR B 177 47.78 13.11 -36.17
N GLY B 178 47.50 14.02 -37.10
CA GLY B 178 47.34 15.42 -36.76
C GLY B 178 48.63 16.20 -36.83
N GLU B 179 48.62 17.34 -36.13
CA GLU B 179 49.77 18.23 -36.14
C GLU B 179 50.99 17.54 -35.56
N LEU B 180 52.13 17.70 -36.24
CA LEU B 180 53.37 17.13 -35.76
C LEU B 180 53.82 17.86 -34.49
N GLN B 181 54.26 17.10 -33.51
CA GLN B 181 54.71 17.62 -32.24
C GLN B 181 56.15 17.17 -31.98
N GLY B 182 56.76 17.75 -30.96
CA GLY B 182 58.13 17.42 -30.63
C GLY B 182 58.24 15.98 -30.12
N THR B 183 59.49 15.54 -30.02
CA THR B 183 59.74 14.18 -29.55
C THR B 183 59.30 13.98 -28.11
N THR B 184 59.12 15.07 -27.35
CA THR B 184 58.68 14.99 -25.97
C THR B 184 57.36 15.73 -25.83
N TRP B 185 56.43 15.13 -25.08
CA TRP B 185 55.13 15.70 -24.81
C TRP B 185 55.05 16.13 -23.36
N ASN B 186 54.50 17.30 -23.11
CA ASN B 186 54.33 17.83 -21.77
C ASN B 186 52.91 18.33 -21.60
N GLY B 187 52.38 18.20 -20.39
CA GLY B 187 51.05 18.62 -20.06
C GLY B 187 51.03 19.59 -18.90
N GLY B 188 49.83 20.04 -18.57
CA GLY B 188 49.62 21.01 -17.51
C GLY B 188 49.46 20.42 -16.14
N SER B 189 49.66 19.11 -15.99
CA SER B 189 49.53 18.44 -14.70
C SER B 189 48.12 18.60 -14.13
N GLY B 190 47.13 18.72 -15.01
CA GLY B 190 45.76 18.88 -14.54
C GLY B 190 45.53 20.14 -13.74
N SER B 191 46.19 21.23 -14.11
CA SER B 191 46.04 22.48 -13.37
C SER B 191 44.77 23.20 -13.79
N ASN B 192 44.71 23.65 -15.03
CA ASN B 192 43.51 24.26 -15.59
C ASN B 192 42.70 23.23 -16.37
N THR B 193 42.20 22.22 -15.63
CA THR B 193 41.46 21.11 -16.22
C THR B 193 40.16 20.92 -15.47
N ASN B 194 39.07 20.69 -16.23
CA ASN B 194 37.76 20.44 -15.66
C ASN B 194 37.19 19.18 -16.31
N VAL B 195 37.14 18.10 -15.54
CA VAL B 195 36.69 16.79 -16.01
C VAL B 195 35.38 16.48 -15.32
N GLU B 196 34.36 16.14 -16.12
CA GLU B 196 33.06 15.76 -15.57
C GLU B 196 32.42 14.75 -16.52
N LEU B 197 31.26 14.26 -16.13
CA LEU B 197 30.47 13.42 -17.02
C LEU B 197 29.57 14.28 -17.89
N PHE B 198 29.46 13.93 -19.16
CA PHE B 198 28.70 14.74 -20.09
C PHE B 198 27.28 14.91 -19.60
N THR B 199 26.88 16.16 -19.37
CA THR B 199 25.56 16.49 -18.85
C THR B 199 24.56 16.46 -20.00
N SER B 200 23.87 15.35 -20.14
CA SER B 200 22.84 15.19 -21.16
C SER B 200 21.49 15.05 -20.46
N LEU B 201 20.45 14.79 -21.25
CA LEU B 201 19.13 14.63 -20.66
C LEU B 201 19.08 13.42 -19.74
N ASP B 202 19.69 12.31 -20.16
CA ASP B 202 19.64 11.08 -19.38
C ASP B 202 20.66 11.10 -18.25
N GLU B 203 20.26 10.60 -17.09
CA GLU B 203 21.16 10.52 -15.95
C GLU B 203 22.20 9.44 -16.20
N PRO B 204 23.42 9.61 -15.68
CA PRO B 204 24.47 8.62 -15.94
C PRO B 204 24.40 7.47 -14.94
N LEU B 205 25.07 6.39 -15.31
CA LEU B 205 25.18 5.23 -14.43
C LEU B 205 26.31 5.49 -13.45
N THR B 206 25.98 5.69 -12.18
CA THR B 206 26.97 6.02 -11.17
C THR B 206 26.92 5.10 -9.96
N LYS B 207 25.99 4.14 -9.92
CA LYS B 207 25.87 3.26 -8.78
C LYS B 207 25.31 1.93 -9.25
N MET B 208 25.49 0.90 -8.42
CA MET B 208 25.03 -0.44 -8.79
C MET B 208 23.51 -0.46 -8.94
N TYR B 209 23.06 -1.22 -9.92
CA TYR B 209 21.64 -1.47 -10.12
C TYR B 209 21.37 -2.96 -9.98
N LYS B 210 20.27 -3.31 -9.32
CA LYS B 210 19.95 -4.72 -9.14
C LYS B 210 19.75 -5.39 -10.49
N PHE B 211 20.35 -6.56 -10.65
CA PHE B 211 20.34 -7.26 -11.91
C PHE B 211 20.09 -8.74 -11.63
N MET B 212 20.26 -9.57 -12.66
CA MET B 212 19.96 -11.00 -12.63
C MET B 212 18.47 -11.29 -12.69
N PHE B 213 17.64 -10.30 -12.99
CA PHE B 213 16.18 -10.49 -13.09
C PHE B 213 15.70 -9.75 -14.33
N GLN B 214 15.66 -10.45 -15.45
CA GLN B 214 15.19 -9.91 -16.73
C GLN B 214 13.95 -10.67 -17.16
N LYS B 215 12.85 -9.96 -17.35
CA LYS B 215 11.66 -10.55 -17.92
C LYS B 215 11.74 -10.46 -19.44
N LEU B 216 11.38 -11.55 -20.10
CA LEU B 216 11.41 -11.56 -21.56
C LEU B 216 10.57 -10.44 -22.13
N MET B 217 9.46 -10.10 -21.47
CA MET B 217 8.65 -8.98 -21.91
C MET B 217 9.44 -7.68 -21.87
N ASP B 218 10.23 -7.48 -20.82
CA ASP B 218 11.03 -6.26 -20.72
C ASP B 218 12.06 -6.18 -21.82
N ILE B 219 12.72 -7.30 -22.14
CA ILE B 219 13.69 -7.31 -23.24
C ILE B 219 12.98 -6.97 -24.54
N ARG B 220 11.81 -7.57 -24.77
CA ARG B 220 11.04 -7.27 -25.96
C ARG B 220 10.73 -5.78 -26.05
N GLU B 221 10.26 -5.20 -24.94
CA GLU B 221 9.91 -3.78 -24.95
C GLU B 221 11.13 -2.92 -25.24
N VAL B 222 12.27 -3.23 -24.62
CA VAL B 222 13.46 -2.40 -24.80
C VAL B 222 13.92 -2.45 -26.25
N VAL B 223 14.00 -3.65 -26.83
CA VAL B 223 14.43 -3.77 -28.22
C VAL B 223 13.46 -3.05 -29.14
N SER B 224 12.15 -3.23 -28.91
CA SER B 224 11.16 -2.61 -29.77
C SER B 224 11.24 -1.09 -29.70
N ILE B 225 11.42 -0.53 -28.50
CA ILE B 225 11.49 0.93 -28.38
C ILE B 225 12.78 1.44 -28.99
N LYS B 226 13.87 0.67 -28.90
CA LYS B 226 15.08 1.08 -29.61
C LYS B 226 14.82 1.22 -31.10
N ILE B 227 14.23 0.19 -31.70
CA ILE B 227 13.92 0.26 -33.13
C ILE B 227 13.00 1.43 -33.43
N GLU B 228 11.95 1.59 -32.62
CA GLU B 228 10.96 2.63 -32.88
C GLU B 228 11.57 4.02 -32.79
N GLU B 229 12.40 4.27 -31.78
CA GLU B 229 12.97 5.60 -31.59
C GLU B 229 13.95 5.93 -32.71
N LEU B 230 14.85 5.01 -33.03
CA LEU B 230 15.78 5.28 -34.12
C LEU B 230 15.02 5.48 -35.43
N GLY B 231 13.99 4.67 -35.67
CA GLY B 231 13.21 4.81 -36.88
C GLY B 231 12.47 6.14 -36.95
N ALA B 232 11.98 6.62 -35.80
CA ALA B 232 11.32 7.91 -35.78
C ALA B 232 12.29 9.04 -36.13
N SER B 233 13.48 9.00 -35.53
CA SER B 233 14.47 10.03 -35.87
C SER B 233 14.82 9.97 -37.36
N LEU B 234 15.03 8.77 -37.89
CA LEU B 234 15.40 8.65 -39.29
C LEU B 234 14.26 9.06 -40.21
N LYS B 235 13.02 8.76 -39.82
CA LYS B 235 11.87 9.16 -40.62
C LYS B 235 11.75 10.68 -40.66
N ASP B 236 11.96 11.35 -39.53
CA ASP B 236 11.94 12.80 -39.56
C ASP B 236 13.07 13.35 -40.44
N HIS B 237 14.26 12.74 -40.34
CA HIS B 237 15.39 13.24 -41.12
C HIS B 237 15.20 13.04 -42.62
N PHE B 238 14.67 11.89 -43.03
CA PHE B 238 14.53 11.55 -44.44
C PHE B 238 13.20 11.95 -45.04
N GLN B 239 12.29 12.51 -44.25
CA GLN B 239 10.95 12.87 -44.73
C GLN B 239 10.26 11.67 -45.36
N ILE B 240 10.35 10.51 -44.72
CA ILE B 240 9.62 9.33 -45.15
C ILE B 240 8.16 9.47 -44.74
N ASP B 241 7.26 9.10 -45.65
CA ASP B 241 5.84 9.31 -45.41
C ASP B 241 5.28 8.27 -44.45
N GLU B 242 5.35 6.99 -44.82
CA GLU B 242 4.74 5.93 -44.03
C GLU B 242 5.61 4.69 -44.05
N PHE B 243 5.71 4.04 -42.90
CA PHE B 243 6.32 2.72 -42.80
C PHE B 243 5.27 1.64 -42.97
N THR B 244 5.68 0.53 -43.54
CA THR B 244 4.79 -0.60 -43.82
C THR B 244 5.23 -1.81 -43.02
N SER B 245 4.26 -2.66 -42.68
CA SER B 245 4.57 -3.88 -41.95
C SER B 245 5.52 -4.74 -42.77
N VAL B 246 6.57 -5.25 -42.10
CA VAL B 246 7.58 -6.03 -42.81
C VAL B 246 6.98 -7.32 -43.35
N SER B 247 6.09 -7.96 -42.60
CA SER B 247 5.63 -9.29 -42.96
C SER B 247 4.65 -9.26 -44.12
N LEU B 248 3.87 -8.21 -44.27
CA LEU B 248 2.82 -8.20 -45.28
C LEU B 248 3.43 -8.25 -46.68
N PRO B 249 2.75 -8.86 -47.64
CA PRO B 249 3.23 -8.81 -49.02
C PRO B 249 3.18 -7.41 -49.59
N ALA B 250 4.07 -7.14 -50.54
CA ALA B 250 4.17 -5.84 -51.18
C ALA B 250 4.56 -6.03 -52.64
N GLN B 251 3.59 -5.83 -53.54
CA GLN B 251 3.86 -5.91 -54.96
C GLN B 251 4.58 -4.68 -55.49
N GLU B 252 4.29 -3.51 -54.93
CA GLU B 252 4.99 -2.28 -55.27
C GLU B 252 6.01 -1.95 -54.19
N THR B 253 6.84 -0.95 -54.47
CA THR B 253 7.93 -0.63 -53.55
C THR B 253 7.38 0.03 -52.29
N VAL B 254 7.82 -0.47 -51.14
CA VAL B 254 7.42 0.07 -49.84
C VAL B 254 8.66 0.28 -48.99
N THR B 255 8.57 1.22 -48.06
CA THR B 255 9.61 1.51 -47.10
C THR B 255 9.32 0.79 -45.79
N VAL B 256 10.31 0.06 -45.28
CA VAL B 256 10.15 -0.79 -44.10
C VAL B 256 11.27 -0.48 -43.12
N LEU B 257 10.90 -0.34 -41.85
CA LEU B 257 11.84 -0.15 -40.76
C LEU B 257 11.99 -1.45 -39.98
N GLY B 258 13.22 -1.80 -39.64
CA GLY B 258 13.42 -3.02 -38.89
C GLY B 258 14.81 -3.11 -38.33
N GLN B 259 15.14 -4.29 -37.81
CA GLN B 259 16.48 -4.59 -37.35
C GLN B 259 16.95 -5.88 -38.00
N ILE B 260 18.24 -5.93 -38.29
CA ILE B 260 18.83 -7.07 -38.99
C ILE B 260 19.12 -8.19 -38.00
N GLY B 261 19.11 -9.42 -38.51
CA GLY B 261 19.42 -10.58 -37.70
C GLY B 261 19.80 -11.73 -38.59
N CYS B 262 20.25 -12.82 -37.96
CA CYS B 262 20.63 -14.03 -38.65
C CYS B 262 19.58 -15.10 -38.42
N ASP B 263 19.22 -15.82 -39.49
CA ASP B 263 18.19 -16.84 -39.40
C ASP B 263 18.62 -18.05 -38.60
N SER B 264 19.89 -18.15 -38.23
CA SER B 264 20.40 -19.29 -37.49
C SER B 264 21.38 -18.76 -36.44
N ASN B 265 21.93 -19.68 -35.64
CA ASN B 265 22.78 -19.31 -34.52
C ASN B 265 24.22 -19.00 -34.93
N GLY B 266 24.61 -19.35 -36.16
CA GLY B 266 25.97 -19.12 -36.61
C GLY B 266 26.28 -17.65 -36.86
N LYS B 267 27.29 -17.39 -37.68
CA LYS B 267 27.66 -16.03 -38.04
C LYS B 267 26.90 -15.59 -39.27
N LEU B 268 26.51 -14.32 -39.30
CA LEU B 268 25.67 -13.80 -40.36
C LEU B 268 26.38 -13.88 -41.71
N ASN B 269 25.63 -14.27 -42.73
CA ASN B 269 26.10 -14.22 -44.11
C ASN B 269 24.98 -13.70 -44.99
N SER B 270 25.32 -13.37 -46.24
CA SER B 270 24.38 -12.69 -47.12
C SER B 270 23.12 -13.51 -47.40
N LYS B 271 23.16 -14.81 -47.17
CA LYS B 271 22.02 -15.68 -47.43
C LYS B 271 21.24 -16.03 -46.18
N SER B 272 21.60 -15.44 -45.03
CA SER B 272 20.97 -15.77 -43.76
C SER B 272 20.46 -14.52 -43.06
N VAL B 273 20.13 -13.48 -43.83
CA VAL B 273 19.71 -12.20 -43.25
C VAL B 273 18.20 -12.19 -43.11
N ILE B 274 17.73 -11.77 -41.95
CA ILE B 274 16.30 -11.59 -41.71
C ILE B 274 16.11 -10.19 -41.13
N LEU B 275 14.95 -9.61 -41.43
CA LEU B 275 14.58 -8.29 -40.92
C LEU B 275 13.41 -8.48 -39.98
N GLU B 276 13.56 -8.02 -38.75
CA GLU B 276 12.54 -8.12 -37.73
C GLU B 276 11.99 -6.73 -37.47
N GLY B 277 10.69 -6.57 -37.63
CA GLY B 277 10.06 -5.28 -37.43
C GLY B 277 9.73 -5.00 -35.99
N ASP B 278 9.37 -3.76 -35.74
CA ASP B 278 8.99 -3.35 -34.40
C ASP B 278 7.53 -3.69 -34.13
N ARG B 279 7.14 -3.54 -32.86
CA ARG B 279 5.77 -3.85 -32.47
C ARG B 279 4.77 -2.88 -33.06
N GLU B 280 5.17 -1.62 -33.25
CA GLU B 280 4.22 -0.60 -33.70
C GLU B 280 3.77 -0.83 -35.13
N HIS B 281 4.72 -1.16 -36.02
CA HIS B 281 4.42 -1.23 -37.44
C HIS B 281 4.33 -2.65 -37.98
N SER B 282 4.86 -3.64 -37.26
CA SER B 282 4.91 -5.00 -37.78
C SER B 282 4.52 -6.07 -36.78
N ALA B 283 4.11 -5.72 -35.57
CA ALA B 283 3.76 -6.70 -34.54
C ALA B 283 4.93 -7.63 -34.23
N GLY B 284 6.16 -7.15 -34.45
CA GLY B 284 7.33 -7.93 -34.17
C GLY B 284 7.63 -9.05 -35.16
N MET B 285 6.98 -9.07 -36.31
CA MET B 285 7.16 -10.15 -37.27
C MET B 285 8.49 -10.03 -38.00
N GLN B 286 9.03 -11.17 -38.41
CA GLN B 286 10.26 -11.25 -39.18
C GLN B 286 9.97 -11.55 -40.64
N VAL B 287 10.98 -11.34 -41.47
CA VAL B 287 10.90 -11.71 -42.89
C VAL B 287 12.31 -11.99 -43.40
N PRO B 288 12.51 -13.05 -44.19
CA PRO B 288 13.80 -13.23 -44.84
C PRO B 288 14.09 -12.10 -45.81
N VAL B 289 15.38 -11.81 -45.99
CA VAL B 289 15.84 -10.73 -46.86
C VAL B 289 16.69 -11.32 -47.97
N ASP B 290 16.47 -10.84 -49.19
CA ASP B 290 17.22 -11.25 -50.37
C ASP B 290 18.04 -10.06 -50.84
N LEU B 291 19.36 -10.14 -50.70
CA LEU B 291 20.25 -9.03 -51.00
C LEU B 291 20.79 -9.08 -52.43
N SER B 292 20.05 -9.67 -53.37
CA SER B 292 20.53 -9.78 -54.73
C SER B 292 20.42 -8.46 -55.50
N GLU B 293 19.41 -7.65 -55.18
CA GLU B 293 19.16 -6.40 -55.88
C GLU B 293 19.80 -5.19 -55.20
N LEU B 294 20.49 -5.38 -54.07
CA LEU B 294 21.18 -4.30 -53.38
C LEU B 294 22.62 -4.25 -53.86
N LYS B 295 23.01 -3.12 -54.46
CA LYS B 295 24.35 -3.01 -55.02
C LYS B 295 25.42 -2.82 -53.94
N ASP B 296 25.11 -2.05 -52.91
CA ASP B 296 26.08 -1.76 -51.85
C ASP B 296 25.35 -1.83 -50.51
N TYR B 297 25.96 -2.51 -49.55
CA TYR B 297 25.36 -2.64 -48.23
C TYR B 297 26.43 -2.99 -47.21
N SER B 298 26.09 -2.75 -45.93
CA SER B 298 26.92 -3.15 -44.81
C SER B 298 26.00 -3.38 -43.63
N LEU B 299 25.81 -4.65 -43.26
CA LEU B 299 24.80 -5.04 -42.29
C LEU B 299 25.42 -5.85 -41.16
N PHE B 300 24.97 -5.60 -39.94
CA PHE B 300 25.34 -6.42 -38.80
C PHE B 300 24.09 -6.68 -37.98
N PRO B 301 24.05 -7.80 -37.25
CA PRO B 301 22.86 -8.10 -36.45
C PRO B 301 22.59 -7.01 -35.42
N GLY B 302 21.31 -6.73 -35.21
CA GLY B 302 20.92 -5.67 -34.30
C GLY B 302 20.95 -4.27 -34.90
N GLN B 303 21.22 -4.17 -36.20
CA GLN B 303 21.32 -2.87 -36.86
C GLN B 303 19.93 -2.40 -37.26
N VAL B 304 19.53 -1.22 -36.79
CA VAL B 304 18.25 -0.65 -37.16
C VAL B 304 18.40 0.00 -38.53
N VAL B 305 17.58 -0.44 -39.48
CA VAL B 305 17.69 -0.02 -40.87
C VAL B 305 16.32 0.36 -41.40
N ILE B 306 16.35 1.21 -42.42
CA ILE B 306 15.18 1.54 -43.24
C ILE B 306 15.52 1.14 -44.66
N MET B 307 14.65 0.36 -45.28
CA MET B 307 14.89 -0.16 -46.62
C MET B 307 13.66 0.04 -47.50
N GLU B 308 13.89 0.40 -48.74
CA GLU B 308 12.87 0.37 -49.77
C GLU B 308 12.99 -0.93 -50.52
N GLY B 309 11.88 -1.67 -50.60
CA GLY B 309 11.91 -2.97 -51.27
C GLY B 309 10.51 -3.46 -51.54
N THR B 310 10.46 -4.66 -52.14
CA THR B 310 9.22 -5.30 -52.52
C THR B 310 9.19 -6.73 -51.99
N ASN B 311 7.99 -7.21 -51.69
CA ASN B 311 7.76 -8.57 -51.20
C ASN B 311 6.63 -9.18 -52.04
N SER B 312 6.99 -9.74 -53.19
CA SER B 312 5.98 -10.22 -54.12
C SER B 312 5.37 -11.53 -53.67
N THR B 313 6.18 -12.40 -53.07
CA THR B 313 5.71 -13.69 -52.60
C THR B 313 5.18 -13.66 -51.17
N GLY B 314 5.29 -12.52 -50.49
CA GLY B 314 4.89 -12.46 -49.11
C GLY B 314 5.77 -13.24 -48.17
N ARG B 315 6.88 -13.78 -48.67
CA ARG B 315 7.73 -14.67 -47.90
C ARG B 315 9.20 -14.26 -47.94
N ARG B 316 9.59 -13.34 -48.82
CA ARG B 316 10.97 -12.93 -48.97
C ARG B 316 11.01 -11.46 -49.35
N PHE B 317 11.58 -10.63 -48.49
CA PHE B 317 11.71 -9.21 -48.78
C PHE B 317 12.94 -8.98 -49.65
N VAL B 318 12.77 -8.20 -50.70
CA VAL B 318 13.87 -7.89 -51.61
C VAL B 318 14.17 -6.40 -51.52
N PRO B 319 15.16 -5.99 -50.75
CA PRO B 319 15.49 -4.57 -50.68
C PRO B 319 16.03 -4.06 -52.00
N THR B 320 15.67 -2.82 -52.33
CA THR B 320 16.26 -2.10 -53.45
C THR B 320 17.03 -0.87 -53.03
N LYS B 321 16.73 -0.30 -51.86
CA LYS B 321 17.51 0.80 -51.30
C LYS B 321 17.70 0.58 -49.81
N LEU B 322 18.92 0.80 -49.35
CA LEU B 322 19.24 0.77 -47.92
C LEU B 322 19.63 2.18 -47.52
N TYR B 323 18.76 2.82 -46.72
CA TYR B 323 19.01 4.18 -46.30
C TYR B 323 20.28 4.25 -45.46
N GLU B 324 21.06 5.30 -45.66
CA GLU B 324 22.27 5.47 -44.90
C GLU B 324 21.97 5.89 -43.47
N GLY B 325 22.96 5.70 -42.60
CA GLY B 325 22.84 6.14 -41.24
C GLY B 325 22.97 7.64 -41.10
N VAL B 326 22.44 8.17 -40.02
CA VAL B 326 22.50 9.58 -39.70
C VAL B 326 23.13 9.74 -38.33
N PRO B 327 24.39 10.15 -38.25
CA PRO B 327 25.02 10.35 -36.95
C PRO B 327 24.44 11.55 -36.23
N LEU B 328 24.56 11.52 -34.90
CA LEU B 328 24.11 12.65 -34.11
C LEU B 328 25.01 13.86 -34.36
N PRO B 329 24.49 15.07 -34.16
CA PRO B 329 25.33 16.25 -34.30
C PRO B 329 26.41 16.30 -33.23
N PHE B 330 27.53 16.92 -33.57
CA PHE B 330 28.60 17.11 -32.60
C PHE B 330 28.15 18.07 -31.52
N HIS B 331 28.99 18.22 -30.50
CA HIS B 331 28.70 19.11 -29.40
C HIS B 331 29.13 20.52 -29.75
N GLN B 332 28.29 21.50 -29.43
CA GLN B 332 28.61 22.91 -29.62
C GLN B 332 29.14 23.44 -28.29
N PRO B 333 30.44 23.53 -28.09
CA PRO B 333 30.95 23.92 -26.78
C PRO B 333 30.61 25.35 -26.42
N SER B 334 30.43 25.58 -25.13
CA SER B 334 30.23 26.92 -24.60
C SER B 334 31.56 27.67 -24.58
N LYS B 335 31.47 28.99 -24.46
CA LYS B 335 32.66 29.83 -24.41
C LYS B 335 33.39 29.76 -23.07
N GLU B 336 32.81 29.10 -22.06
CA GLU B 336 33.46 29.05 -20.75
C GLU B 336 34.88 28.53 -20.83
N PHE B 337 35.15 27.62 -21.76
CA PHE B 337 36.47 27.01 -21.92
C PHE B 337 37.22 27.52 -23.13
N GLU B 338 36.85 28.70 -23.64
CA GLU B 338 37.53 29.24 -24.81
C GLU B 338 38.99 29.57 -24.51
N GLU B 339 39.29 30.04 -23.30
CA GLU B 339 40.63 30.48 -22.94
C GLU B 339 41.46 29.37 -22.30
N CYS B 340 40.91 28.18 -22.12
CA CYS B 340 41.68 27.11 -21.52
C CYS B 340 42.73 26.59 -22.50
N PRO B 341 43.87 26.13 -22.02
CA PRO B 341 44.91 25.61 -22.92
C PRO B 341 44.56 24.22 -23.42
N GLN B 342 45.38 23.75 -24.35
CA GLN B 342 45.24 22.39 -24.84
C GLN B 342 45.53 21.40 -23.72
N GLN B 343 44.79 20.30 -23.71
CA GLN B 343 44.89 19.30 -22.66
C GLN B 343 45.50 18.01 -23.21
N MET B 344 46.35 17.38 -22.40
CA MET B 344 47.01 16.14 -22.78
C MET B 344 46.33 14.97 -22.09
N VAL B 345 46.02 13.93 -22.87
CA VAL B 345 45.34 12.75 -22.37
C VAL B 345 46.16 11.53 -22.76
N ILE B 346 46.51 10.71 -21.76
CA ILE B 346 47.17 9.43 -21.98
C ILE B 346 46.16 8.35 -21.66
N THR B 347 45.87 7.49 -22.64
CA THR B 347 44.89 6.44 -22.48
C THR B 347 45.55 5.07 -22.64
N ALA B 348 45.28 4.17 -21.72
CA ALA B 348 45.77 2.80 -21.78
C ALA B 348 44.67 1.83 -21.38
N CYS B 349 44.74 0.62 -21.91
CA CYS B 349 43.76 -0.42 -21.67
C CYS B 349 44.45 -1.68 -21.19
N GLY B 350 43.74 -2.45 -20.37
CA GLY B 350 44.28 -3.69 -19.85
C GLY B 350 44.33 -4.76 -20.91
N PRO B 351 44.96 -5.90 -20.61
CA PRO B 351 45.61 -6.25 -19.33
C PRO B 351 46.86 -5.44 -19.03
N PHE B 352 47.16 -5.24 -17.76
CA PHE B 352 48.29 -4.42 -17.33
C PHE B 352 49.48 -5.25 -16.86
N THR B 353 49.32 -6.56 -16.72
CA THR B 353 50.40 -7.44 -16.32
C THR B 353 50.62 -8.51 -17.39
N THR B 354 51.84 -9.03 -17.42
CA THR B 354 52.19 -10.04 -18.39
C THR B 354 51.41 -11.32 -18.10
N SER B 355 51.31 -12.18 -19.11
CA SER B 355 50.49 -13.37 -18.97
C SER B 355 50.97 -14.26 -17.84
N ASP B 356 52.28 -14.28 -17.58
CA ASP B 356 52.86 -15.18 -16.59
C ASP B 356 53.29 -14.46 -15.31
N THR B 357 52.85 -13.23 -15.09
CA THR B 357 53.22 -12.49 -13.89
C THR B 357 52.00 -11.75 -13.36
N ILE B 358 52.08 -11.38 -12.09
CA ILE B 358 51.01 -10.65 -11.42
C ILE B 358 51.59 -9.42 -10.75
N THR B 359 52.72 -8.94 -11.27
CA THR B 359 53.46 -7.85 -10.67
C THR B 359 53.13 -6.48 -11.26
N TYR B 360 52.45 -6.43 -12.39
CA TYR B 360 52.06 -5.17 -13.03
C TYR B 360 53.29 -4.35 -13.39
N ASP B 361 54.15 -4.95 -14.22
CA ASP B 361 55.33 -4.23 -14.68
C ASP B 361 54.97 -3.19 -15.74
N ALA B 362 54.10 -3.54 -16.67
CA ALA B 362 53.69 -2.57 -17.68
C ALA B 362 52.99 -1.38 -17.04
N LEU B 363 52.20 -1.63 -15.99
CA LEU B 363 51.57 -0.54 -15.28
C LEU B 363 52.59 0.37 -14.64
N LYS B 364 53.66 -0.21 -14.07
CA LYS B 364 54.71 0.62 -13.48
C LYS B 364 55.39 1.48 -14.53
N ASP B 365 55.67 0.89 -15.70
CA ASP B 365 56.26 1.69 -16.78
C ASP B 365 55.33 2.81 -17.22
N LEU B 366 54.04 2.53 -17.33
CA LEU B 366 53.10 3.55 -17.73
C LEU B 366 52.99 4.66 -16.68
N ILE B 367 53.04 4.30 -15.40
CA ILE B 367 53.00 5.30 -14.35
C ILE B 367 54.24 6.17 -14.41
N ASP B 368 55.39 5.57 -14.69
CA ASP B 368 56.61 6.35 -14.87
C ASP B 368 56.45 7.32 -16.04
N ILE B 369 55.87 6.85 -17.14
CA ILE B 369 55.62 7.73 -18.28
C ILE B 369 54.69 8.87 -17.88
N VAL B 370 53.67 8.58 -17.09
CA VAL B 370 52.72 9.61 -16.68
C VAL B 370 53.43 10.67 -15.86
N ASN B 371 54.22 10.24 -14.88
CA ASN B 371 54.93 11.22 -14.06
C ASN B 371 55.95 11.99 -14.88
N ARG B 372 56.52 11.36 -15.91
CA ARG B 372 57.50 12.04 -16.75
C ARG B 372 56.83 13.11 -17.62
N ASP B 373 55.72 12.76 -18.26
CA ASP B 373 55.08 13.67 -19.21
C ASP B 373 54.04 14.57 -18.55
N ARG B 374 53.57 14.23 -17.35
CA ARG B 374 52.60 15.05 -16.63
C ARG B 374 51.38 15.36 -17.52
N PRO B 375 50.62 14.35 -17.91
CA PRO B 375 49.40 14.60 -18.68
C PRO B 375 48.31 15.21 -17.82
N ASP B 376 47.31 15.78 -18.49
CA ASP B 376 46.18 16.35 -17.79
C ASP B 376 45.14 15.30 -17.41
N ILE B 377 44.96 14.27 -18.23
CA ILE B 377 44.06 13.18 -17.90
C ILE B 377 44.71 11.85 -18.27
N CYS B 378 44.51 10.86 -17.43
CA CYS B 378 44.94 9.48 -17.69
C CYS B 378 43.70 8.59 -17.64
N ILE B 379 43.34 8.03 -18.79
CA ILE B 379 42.17 7.17 -18.90
C ILE B 379 42.66 5.73 -18.90
N LEU B 380 42.35 5.01 -17.83
CA LEU B 380 42.73 3.60 -17.69
C LEU B 380 41.50 2.73 -17.82
N LEU B 381 41.50 1.85 -18.81
CA LEU B 381 40.38 0.95 -19.08
C LEU B 381 40.77 -0.46 -18.67
N GLY B 382 39.79 -1.21 -18.16
CA GLY B 382 40.06 -2.53 -17.66
C GLY B 382 40.37 -3.51 -18.78
N PRO B 383 40.65 -4.76 -18.41
CA PRO B 383 40.62 -5.30 -17.04
C PRO B 383 41.83 -4.91 -16.22
N PHE B 384 41.66 -4.79 -14.91
CA PHE B 384 42.76 -4.56 -13.98
C PHE B 384 43.18 -5.84 -13.27
N LEU B 385 42.27 -6.80 -13.13
CA LEU B 385 42.56 -8.15 -12.67
C LEU B 385 41.84 -9.07 -13.65
N ASP B 386 42.53 -9.44 -14.73
CA ASP B 386 41.89 -10.15 -15.82
C ASP B 386 41.38 -11.50 -15.36
N ALA B 387 40.19 -11.86 -15.83
CA ALA B 387 39.62 -13.17 -15.51
C ALA B 387 40.28 -14.27 -16.32
N LYS B 388 40.82 -13.94 -17.50
CA LYS B 388 41.45 -14.91 -18.37
C LYS B 388 42.93 -15.09 -18.07
N HIS B 389 43.47 -14.35 -17.11
CA HIS B 389 44.86 -14.55 -16.70
C HIS B 389 45.06 -15.98 -16.26
N GLU B 390 46.13 -16.61 -16.75
CA GLU B 390 46.33 -18.03 -16.49
C GLU B 390 46.39 -18.31 -15.00
N GLN B 391 46.98 -17.40 -14.23
CA GLN B 391 47.05 -17.60 -12.78
C GLN B 391 45.66 -17.55 -12.15
N ILE B 392 44.79 -16.68 -12.65
CA ILE B 392 43.47 -16.52 -12.05
C ILE B 392 42.61 -17.75 -12.31
N GLU B 393 42.62 -18.24 -13.54
CA GLU B 393 41.71 -19.33 -13.88
C GLU B 393 42.05 -20.62 -13.14
N ASN B 394 43.33 -20.93 -13.00
CA ASN B 394 43.76 -22.18 -12.38
C ASN B 394 43.89 -22.08 -10.87
N LEU B 395 43.51 -20.96 -10.27
CA LEU B 395 43.48 -20.80 -8.81
C LEU B 395 44.86 -21.05 -8.22
N GLN B 396 45.81 -20.21 -8.63
CA GLN B 396 47.15 -20.19 -8.07
C GLN B 396 47.41 -18.97 -7.21
N LEU B 397 46.44 -18.05 -7.11
CA LEU B 397 46.63 -16.84 -6.35
C LEU B 397 46.49 -17.11 -4.86
N THR B 398 47.41 -16.57 -4.08
CA THR B 398 47.41 -16.76 -2.64
C THR B 398 46.66 -15.65 -1.91
N VAL B 399 46.15 -14.65 -2.62
CA VAL B 399 45.41 -13.56 -2.02
C VAL B 399 44.09 -13.39 -2.77
N THR B 400 43.11 -12.82 -2.08
CA THR B 400 41.79 -12.65 -2.67
C THR B 400 41.84 -11.67 -3.84
N PHE B 401 40.86 -11.81 -4.74
CA PHE B 401 40.81 -10.93 -5.90
C PHE B 401 40.72 -9.47 -5.47
N GLU B 402 39.88 -9.19 -4.48
CA GLU B 402 39.71 -7.81 -4.03
C GLU B 402 41.03 -7.23 -3.55
N ASP B 403 41.85 -8.04 -2.90
CA ASP B 403 43.13 -7.54 -2.40
C ASP B 403 44.06 -7.18 -3.55
N VAL B 404 44.14 -8.01 -4.57
CA VAL B 404 44.98 -7.70 -5.72
C VAL B 404 44.50 -6.43 -6.40
N PHE B 405 43.18 -6.30 -6.59
CA PHE B 405 42.65 -5.12 -7.24
C PHE B 405 42.92 -3.87 -6.40
N LYS B 406 42.78 -3.98 -5.08
CA LYS B 406 43.07 -2.85 -4.20
C LYS B 406 44.53 -2.45 -4.30
N ARG B 407 45.44 -3.43 -4.33
CA ARG B 407 46.85 -3.12 -4.50
C ARG B 407 47.10 -2.41 -5.83
N CYS B 408 46.47 -2.88 -6.90
CA CYS B 408 46.66 -2.25 -8.21
C CYS B 408 46.18 -0.80 -8.19
N LEU B 409 44.99 -0.57 -7.62
CA LEU B 409 44.45 0.78 -7.59
C LEU B 409 45.29 1.70 -6.72
N LYS B 410 45.78 1.18 -5.58
CA LYS B 410 46.68 1.98 -4.76
C LYS B 410 47.95 2.34 -5.52
N MET B 411 48.52 1.37 -6.23
CA MET B 411 49.70 1.65 -7.04
C MET B 411 49.40 2.78 -8.03
N ILE B 412 48.29 2.67 -8.75
CA ILE B 412 47.96 3.67 -9.76
C ILE B 412 47.80 5.04 -9.12
N ILE B 413 46.99 5.13 -8.08
CA ILE B 413 46.64 6.44 -7.52
C ILE B 413 47.83 7.08 -6.83
N GLU B 414 48.51 6.33 -5.96
CA GLU B 414 49.65 6.89 -5.23
C GLU B 414 50.79 7.22 -6.17
N GLY B 415 51.05 6.35 -7.15
CA GLY B 415 52.15 6.60 -8.07
C GLY B 415 51.97 7.81 -8.96
N THR B 416 50.73 8.23 -9.19
CA THR B 416 50.45 9.39 -10.01
C THR B 416 50.38 10.68 -9.20
N ARG B 417 50.63 10.62 -7.90
CA ARG B 417 50.59 11.82 -7.08
C ARG B 417 51.51 12.90 -7.62
N PRO B 418 52.77 12.63 -7.97
CA PRO B 418 53.62 13.71 -8.50
C PRO B 418 53.05 14.37 -9.74
N SER B 419 52.39 13.60 -10.62
CA SER B 419 51.87 14.18 -11.86
C SER B 419 50.64 15.06 -11.63
N GLY B 420 49.89 14.82 -10.56
CA GLY B 420 48.67 15.57 -10.35
C GLY B 420 47.67 15.41 -11.48
N CYS B 421 47.56 14.20 -12.04
CA CYS B 421 46.78 13.96 -13.24
C CYS B 421 45.43 13.34 -12.88
N HIS B 422 44.37 13.88 -13.46
CA HIS B 422 43.04 13.33 -13.25
C HIS B 422 42.95 11.93 -13.84
N LEU B 423 42.67 10.94 -12.98
CA LEU B 423 42.57 9.56 -13.39
C LEU B 423 41.10 9.20 -13.63
N VAL B 424 40.83 8.61 -14.79
CA VAL B 424 39.50 8.14 -15.14
C VAL B 424 39.59 6.63 -15.31
N ILE B 425 38.99 5.89 -14.38
CA ILE B 425 39.08 4.43 -14.34
C ILE B 425 37.78 3.86 -14.89
N VAL B 426 37.88 3.04 -15.93
CA VAL B 426 36.73 2.43 -16.59
C VAL B 426 36.80 0.92 -16.36
N PRO B 427 35.77 0.29 -15.80
CA PRO B 427 35.81 -1.16 -15.58
C PRO B 427 35.67 -1.93 -16.88
N SER B 428 35.99 -3.22 -16.81
CA SER B 428 35.92 -4.11 -17.95
C SER B 428 35.13 -5.35 -17.55
N LEU B 429 34.47 -5.96 -18.53
CA LEU B 429 33.74 -7.20 -18.27
C LEU B 429 34.67 -8.33 -17.87
N ARG B 430 35.97 -8.21 -18.11
CA ARG B 430 36.95 -9.21 -17.72
C ARG B 430 37.48 -9.00 -16.30
N ASP B 431 37.01 -7.98 -15.59
CA ASP B 431 37.40 -7.75 -14.21
C ASP B 431 36.80 -8.84 -13.34
N VAL B 432 37.64 -9.77 -12.87
CA VAL B 432 37.15 -10.92 -12.12
C VAL B 432 36.52 -10.51 -10.78
N HIS B 433 36.83 -9.32 -10.29
CA HIS B 433 36.37 -8.90 -8.98
C HIS B 433 35.10 -8.05 -9.01
N HIS B 434 34.61 -7.67 -10.19
CA HIS B 434 33.50 -6.75 -10.31
C HIS B 434 32.26 -7.47 -10.83
N ASP B 435 31.14 -6.77 -10.75
CA ASP B 435 29.86 -7.33 -11.17
C ASP B 435 29.87 -7.59 -12.67
N PRO B 436 29.60 -8.82 -13.12
CA PRO B 436 29.62 -9.11 -14.56
C PRO B 436 28.31 -8.79 -15.26
N VAL B 437 28.11 -7.51 -15.57
CA VAL B 437 26.89 -7.05 -16.21
C VAL B 437 27.22 -5.80 -17.00
N TYR B 438 26.55 -5.64 -18.15
CA TYR B 438 26.73 -4.49 -19.00
C TYR B 438 25.38 -3.79 -19.18
N PRO B 439 25.31 -2.46 -19.07
CA PRO B 439 26.37 -1.49 -18.74
C PRO B 439 26.95 -1.71 -17.36
N GLN B 440 28.27 -1.66 -17.24
CA GLN B 440 28.93 -1.97 -15.98
C GLN B 440 28.90 -0.76 -15.06
N PRO B 441 28.46 -0.91 -13.81
CA PRO B 441 28.53 0.21 -12.88
C PRO B 441 29.97 0.54 -12.54
N PRO B 442 30.24 1.73 -11.99
CA PRO B 442 31.61 2.08 -11.64
C PRO B 442 32.13 1.24 -10.47
N PHE B 443 33.45 1.21 -10.36
CA PHE B 443 34.07 0.56 -9.22
C PHE B 443 33.68 1.30 -7.93
N SER B 444 33.43 0.53 -6.87
CA SER B 444 33.03 1.12 -5.60
C SER B 444 33.72 0.49 -4.40
N CYS B 445 34.73 -0.34 -4.60
CA CYS B 445 35.41 -1.01 -3.50
C CYS B 445 36.63 -0.26 -3.00
N PHE B 446 36.97 0.88 -3.59
CA PHE B 446 38.15 1.63 -3.20
C PHE B 446 37.76 3.06 -2.84
N GLU B 447 38.26 3.52 -1.70
CA GLU B 447 38.03 4.90 -1.26
C GLU B 447 39.33 5.67 -1.35
N PRO B 448 39.49 6.56 -2.33
CA PRO B 448 40.74 7.33 -2.42
C PRO B 448 40.95 8.19 -1.20
N ALA B 449 42.21 8.41 -0.85
CA ALA B 449 42.56 9.29 0.25
C ALA B 449 41.99 10.69 -0.01
N LYS B 450 41.94 11.49 1.05
CA LYS B 450 41.39 12.83 0.93
C LYS B 450 42.17 13.69 -0.05
N GLU B 451 43.44 13.36 -0.31
CA GLU B 451 44.27 14.13 -1.22
C GLU B 451 44.15 13.68 -2.67
N ASP B 452 43.36 12.65 -2.94
CA ASP B 452 43.17 12.16 -4.30
C ASP B 452 41.71 12.05 -4.69
N LYS B 453 40.79 12.53 -3.85
CA LYS B 453 39.37 12.41 -4.16
C LYS B 453 39.01 13.20 -5.41
N GLU B 454 39.54 14.42 -5.54
CA GLU B 454 39.21 15.27 -6.67
C GLU B 454 39.91 14.84 -7.97
N ARG B 455 40.86 13.91 -7.89
CA ARG B 455 41.64 13.49 -9.04
C ARG B 455 41.13 12.20 -9.67
N VAL B 456 40.52 11.33 -8.88
CA VAL B 456 40.10 10.00 -9.33
C VAL B 456 38.62 10.05 -9.68
N HIS B 457 38.29 9.53 -10.86
CA HIS B 457 36.91 9.47 -11.34
C HIS B 457 36.62 8.01 -11.69
N PHE B 458 35.82 7.35 -10.86
CA PHE B 458 35.37 5.99 -11.13
C PHE B 458 34.11 6.12 -11.99
N VAL B 459 34.24 5.87 -13.27
CA VAL B 459 33.15 6.04 -14.22
C VAL B 459 32.63 4.67 -14.65
N ALA B 460 31.52 4.70 -15.37
CA ALA B 460 30.84 3.49 -15.82
C ALA B 460 31.24 3.15 -17.25
N ASP B 461 31.06 1.88 -17.61
CA ASP B 461 31.26 1.41 -18.97
C ASP B 461 29.92 1.28 -19.66
N PRO B 462 29.64 2.04 -20.72
CA PRO B 462 30.45 3.05 -21.41
C PRO B 462 30.44 4.38 -20.70
N CYS B 463 31.31 5.32 -21.08
CA CYS B 463 31.32 6.63 -20.46
C CYS B 463 31.46 7.71 -21.52
N THR B 464 30.73 8.81 -21.32
CA THR B 464 30.87 10.03 -22.10
C THR B 464 31.38 11.10 -21.15
N LEU B 465 32.62 11.53 -21.37
CA LEU B 465 33.31 12.45 -20.49
C LEU B 465 33.40 13.82 -21.15
N SER B 466 33.31 14.88 -20.35
CA SER B 466 33.53 16.24 -20.82
C SER B 466 34.80 16.76 -20.17
N VAL B 467 35.74 17.18 -21.00
CA VAL B 467 37.05 17.68 -20.58
C VAL B 467 37.20 19.05 -21.20
N ASN B 468 36.89 20.10 -20.44
CA ASN B 468 36.97 21.47 -20.95
C ASN B 468 36.16 21.62 -22.24
N GLY B 469 34.99 20.98 -22.26
CA GLY B 469 34.11 21.06 -23.40
C GLY B 469 34.33 19.99 -24.45
N VAL B 470 35.45 19.28 -24.42
CA VAL B 470 35.69 18.21 -25.37
C VAL B 470 34.99 16.94 -24.89
N VAL B 471 34.17 16.36 -25.76
CA VAL B 471 33.40 15.17 -25.43
C VAL B 471 34.20 13.95 -25.88
N ILE B 472 34.56 13.09 -24.94
CA ILE B 472 35.30 11.86 -25.22
C ILE B 472 34.38 10.69 -24.90
N GLY B 473 34.11 9.86 -25.89
CA GLY B 473 33.41 8.62 -25.64
C GLY B 473 34.43 7.51 -25.44
N MET B 474 34.12 6.61 -24.50
CA MET B 474 35.03 5.51 -24.22
C MET B 474 34.24 4.30 -23.77
N THR B 475 34.74 3.12 -24.15
CA THR B 475 34.18 1.86 -23.72
C THR B 475 35.30 0.85 -23.60
N SER B 476 35.28 0.06 -22.53
CA SER B 476 36.24 -1.03 -22.38
C SER B 476 35.90 -2.21 -23.27
N THR B 477 34.64 -2.37 -23.64
CA THR B 477 34.22 -3.51 -24.44
C THR B 477 34.89 -3.49 -25.81
N ASP B 478 35.30 -4.67 -26.27
CA ASP B 478 35.93 -4.83 -27.58
C ASP B 478 34.82 -4.83 -28.63
N LEU B 479 34.35 -3.64 -28.96
CA LEU B 479 33.26 -3.50 -29.91
C LEU B 479 33.67 -3.97 -31.30
N LEU B 480 34.87 -3.61 -31.74
CA LEU B 480 35.29 -3.93 -33.09
C LEU B 480 35.42 -5.43 -33.29
N PHE B 481 35.99 -6.14 -32.32
CA PHE B 481 36.09 -7.59 -32.43
C PHE B 481 34.71 -8.23 -32.44
N HIS B 482 33.80 -7.73 -31.60
CA HIS B 482 32.45 -8.28 -31.53
C HIS B 482 31.70 -8.10 -32.83
N MET B 483 31.81 -6.93 -33.45
CA MET B 483 31.03 -6.65 -34.66
C MET B 483 31.73 -7.11 -35.93
N GLY B 484 33.05 -7.18 -35.94
CA GLY B 484 33.75 -7.70 -37.10
C GLY B 484 33.40 -9.15 -37.38
N ALA B 485 33.10 -9.91 -36.35
CA ALA B 485 32.74 -11.31 -36.53
C ALA B 485 31.37 -11.49 -37.13
N GLU B 486 30.56 -10.43 -37.23
CA GLU B 486 29.20 -10.53 -37.69
C GLU B 486 28.85 -9.59 -38.83
N GLU B 487 29.65 -8.56 -39.10
CA GLU B 487 29.33 -7.62 -40.15
C GLU B 487 29.55 -8.23 -41.52
N ILE B 488 28.57 -8.06 -42.42
CA ILE B 488 28.67 -8.50 -43.79
C ILE B 488 28.57 -7.27 -44.68
N SER B 489 29.43 -7.22 -45.70
CA SER B 489 29.51 -6.07 -46.60
C SER B 489 29.52 -6.54 -48.04
N SER B 490 29.08 -5.67 -48.93
CA SER B 490 29.06 -6.02 -50.35
C SER B 490 30.46 -6.06 -50.93
N SER B 491 31.34 -5.17 -50.47
CA SER B 491 32.71 -5.14 -50.97
C SER B 491 33.68 -4.84 -49.82
N ASP B 496 37.57 0.63 -45.64
CA ASP B 496 38.16 -0.02 -44.48
C ASP B 496 37.08 -0.60 -43.58
N ARG B 497 37.25 -1.87 -43.24
CA ARG B 497 36.23 -2.56 -42.45
C ARG B 497 36.05 -1.91 -41.09
N PHE B 498 37.15 -1.55 -40.43
CA PHE B 498 37.07 -0.92 -39.12
C PHE B 498 36.36 0.43 -39.22
N SER B 499 36.63 1.18 -40.28
CA SER B 499 35.94 2.46 -40.46
C SER B 499 34.44 2.23 -40.63
N ARG B 500 34.06 1.21 -41.39
CA ARG B 500 32.64 0.89 -41.55
C ARG B 500 32.01 0.55 -40.21
N ILE B 501 32.68 -0.26 -39.40
CA ILE B 501 32.12 -0.65 -38.11
C ILE B 501 32.00 0.56 -37.20
N LEU B 502 33.01 1.43 -37.20
CA LEU B 502 32.97 2.62 -36.36
C LEU B 502 31.84 3.55 -36.79
N ARG B 503 31.65 3.72 -38.09
CA ARG B 503 30.54 4.52 -38.57
C ARG B 503 29.21 3.90 -38.20
N HIS B 504 29.13 2.57 -38.22
CA HIS B 504 27.91 1.89 -37.77
C HIS B 504 27.63 2.21 -36.32
N ILE B 505 28.65 2.15 -35.47
CA ILE B 505 28.47 2.46 -34.06
C ILE B 505 27.99 3.89 -33.90
N LEU B 506 28.61 4.83 -34.61
CA LEU B 506 28.23 6.23 -34.46
C LEU B 506 26.81 6.49 -34.98
N THR B 507 26.43 5.86 -36.08
CA THR B 507 25.12 6.10 -36.68
C THR B 507 23.99 5.42 -35.90
N GLN B 508 24.26 4.27 -35.30
CA GLN B 508 23.24 3.62 -34.48
C GLN B 508 23.04 4.35 -33.16
N ARG B 509 23.98 5.21 -32.78
CA ARG B 509 23.86 6.05 -31.59
C ARG B 509 23.81 5.24 -30.31
N SER B 510 24.44 4.06 -30.32
CA SER B 510 24.55 3.23 -29.12
C SER B 510 25.98 2.74 -28.99
N TYR B 511 26.45 2.64 -27.74
CA TYR B 511 27.77 2.09 -27.50
C TYR B 511 27.83 0.58 -27.65
N TYR B 512 26.70 -0.09 -27.83
CA TYR B 512 26.69 -1.52 -28.11
C TYR B 512 25.43 -1.84 -28.90
N PRO B 513 25.47 -1.67 -30.22
CA PRO B 513 24.30 -1.93 -31.06
C PRO B 513 24.14 -3.37 -31.51
N LEU B 514 25.02 -4.27 -31.10
CA LEU B 514 24.98 -5.65 -31.58
C LEU B 514 23.93 -6.44 -30.82
N TYR B 515 23.04 -7.10 -31.56
CA TYR B 515 22.02 -7.95 -30.95
C TYR B 515 21.77 -9.19 -31.79
N PRO B 516 21.93 -10.40 -31.23
CA PRO B 516 22.34 -10.73 -29.86
C PRO B 516 23.80 -10.36 -29.64
N PRO B 517 24.19 -10.10 -28.40
CA PRO B 517 25.58 -9.70 -28.15
C PRO B 517 26.55 -10.83 -28.43
N ASN B 518 27.85 -10.58 -28.24
CA ASN B 518 28.82 -11.65 -28.30
C ASN B 518 28.69 -12.54 -27.07
N GLU B 519 29.32 -13.71 -27.13
CA GLU B 519 29.23 -14.68 -26.05
C GLU B 519 29.95 -14.25 -24.78
N GLU B 520 30.74 -13.17 -24.82
CA GLU B 520 31.59 -12.82 -23.70
C GLU B 520 31.08 -11.61 -22.91
N ILE B 521 29.88 -11.13 -23.19
CA ILE B 521 29.34 -9.95 -22.53
C ILE B 521 27.95 -10.24 -22.02
N ASN B 522 27.69 -9.87 -20.76
CA ASN B 522 26.38 -10.01 -20.14
C ASN B 522 25.67 -8.67 -20.21
N ILE B 523 24.51 -8.64 -20.85
CA ILE B 523 23.79 -7.39 -21.12
C ILE B 523 22.50 -7.39 -20.32
N ASP B 524 22.36 -6.41 -19.43
CA ASP B 524 21.08 -6.09 -18.80
C ASP B 524 20.39 -5.05 -19.66
N TYR B 525 19.27 -5.41 -20.28
CA TYR B 525 18.73 -4.60 -21.36
C TYR B 525 18.04 -3.33 -20.88
N GLU B 526 17.48 -3.31 -19.67
CA GLU B 526 16.98 -2.05 -19.14
C GLU B 526 18.12 -1.06 -18.90
N ALA B 527 19.20 -1.52 -18.28
CA ALA B 527 20.36 -0.67 -18.09
C ALA B 527 20.99 -0.29 -19.43
N LEU B 528 20.99 -1.21 -20.40
CA LEU B 528 21.49 -0.90 -21.73
C LEU B 528 20.67 0.22 -22.36
N TYR B 529 19.35 0.15 -22.24
CA TYR B 529 18.49 1.20 -22.77
C TYR B 529 18.76 2.54 -22.10
N SER B 530 18.94 2.52 -20.79
CA SER B 530 19.10 3.74 -20.02
C SER B 530 20.49 4.36 -20.13
N TYR B 531 21.55 3.58 -20.41
CA TYR B 531 22.91 4.08 -20.23
C TYR B 531 23.85 3.83 -21.40
N THR B 532 23.36 3.31 -22.53
CA THR B 532 24.16 3.12 -23.74
C THR B 532 23.84 4.09 -24.87
N PRO B 533 22.77 4.88 -24.81
CA PRO B 533 22.57 5.88 -25.86
C PRO B 533 23.73 6.87 -25.88
N MET B 534 24.22 7.15 -27.09
CA MET B 534 25.27 8.15 -27.26
C MET B 534 24.63 9.54 -27.26
N PRO B 535 24.94 10.40 -26.28
CA PRO B 535 24.27 11.71 -26.25
C PRO B 535 24.52 12.51 -27.51
N VAL B 536 25.79 12.67 -27.89
CA VAL B 536 26.19 13.33 -29.12
C VAL B 536 27.24 12.47 -29.79
N THR B 537 27.74 12.93 -30.93
CA THR B 537 28.86 12.27 -31.58
C THR B 537 30.16 12.76 -30.93
N PRO B 538 30.91 11.89 -30.26
CA PRO B 538 32.06 12.38 -29.48
C PRO B 538 33.17 12.91 -30.35
N ASP B 539 33.88 13.90 -29.80
CA ASP B 539 35.06 14.43 -30.48
C ASP B 539 36.17 13.37 -30.56
N VAL B 540 36.35 12.61 -29.49
CA VAL B 540 37.28 11.49 -29.45
C VAL B 540 36.53 10.27 -28.96
N PHE B 541 36.82 9.12 -29.57
CA PHE B 541 36.14 7.87 -29.22
C PHE B 541 37.20 6.82 -28.96
N ILE B 542 37.41 6.47 -27.68
CA ILE B 542 38.40 5.48 -27.30
C ILE B 542 37.76 4.10 -27.37
N VAL B 543 38.29 3.26 -28.25
CA VAL B 543 37.75 1.92 -28.47
C VAL B 543 38.90 0.91 -28.47
N PRO B 544 39.41 0.53 -27.30
CA PRO B 544 40.47 -0.47 -27.26
C PRO B 544 40.00 -1.78 -27.85
N SER B 545 40.91 -2.48 -28.52
CA SER B 545 40.54 -3.71 -29.19
C SER B 545 41.73 -4.66 -29.24
N GLU B 546 41.43 -5.95 -29.30
CA GLU B 546 42.47 -6.94 -29.58
C GLU B 546 43.01 -6.77 -30.99
N LEU B 547 42.25 -6.15 -31.89
CA LEU B 547 42.73 -5.84 -33.21
C LEU B 547 43.86 -4.82 -33.13
N ARG B 548 44.44 -4.50 -34.28
CA ARG B 548 45.60 -3.63 -34.30
C ARG B 548 45.24 -2.21 -33.89
N TYR B 549 46.21 -1.53 -33.28
CA TYR B 549 46.01 -0.15 -32.88
C TYR B 549 45.77 0.73 -34.10
N PHE B 550 45.06 1.84 -33.89
CA PHE B 550 44.82 2.75 -35.00
C PHE B 550 44.36 4.10 -34.48
N ILE B 551 44.45 5.10 -35.36
CA ILE B 551 43.83 6.40 -35.15
C ILE B 551 43.13 6.76 -36.44
N LYS B 552 41.80 6.70 -36.44
CA LYS B 552 41.01 6.91 -37.64
C LYS B 552 40.12 8.14 -37.46
N ASP B 553 39.76 8.75 -38.57
CA ASP B 553 38.83 9.87 -38.59
C ASP B 553 37.56 9.38 -39.27
N VAL B 554 36.54 9.08 -38.46
CA VAL B 554 35.27 8.58 -38.96
C VAL B 554 34.23 9.67 -38.78
N THR B 555 33.80 10.26 -39.89
CA THR B 555 32.76 11.28 -39.88
C THR B 555 33.09 12.40 -38.91
N GLY B 556 34.35 12.79 -38.86
CA GLY B 556 34.78 13.89 -38.03
C GLY B 556 35.05 13.53 -36.58
N CYS B 557 34.94 12.26 -36.21
CA CYS B 557 35.25 11.81 -34.87
C CYS B 557 36.56 11.04 -34.91
N ILE B 558 37.46 11.35 -33.98
CA ILE B 558 38.77 10.73 -33.92
C ILE B 558 38.63 9.47 -33.07
N CYS B 559 38.58 8.33 -33.74
CA CYS B 559 38.47 7.04 -33.08
C CYS B 559 39.87 6.50 -32.84
N ILE B 560 40.22 6.27 -31.58
CA ILE B 560 41.55 5.84 -31.18
C ILE B 560 41.44 4.45 -30.59
N ASN B 561 42.18 3.49 -31.16
CA ASN B 561 42.40 2.19 -30.56
C ASN B 561 43.85 2.15 -30.13
N PRO B 562 44.15 2.34 -28.84
CA PRO B 562 45.53 2.26 -28.36
C PRO B 562 46.04 0.83 -28.17
N GLY B 563 45.31 -0.17 -28.67
CA GLY B 563 45.68 -1.52 -28.37
C GLY B 563 45.51 -1.81 -26.89
N ARG B 564 46.27 -2.78 -26.41
CA ARG B 564 46.29 -3.13 -24.99
C ARG B 564 47.72 -2.99 -24.48
N LEU B 565 47.86 -2.54 -23.25
CA LEU B 565 49.20 -2.25 -22.72
C LEU B 565 50.10 -3.48 -22.79
N THR B 566 49.54 -4.67 -22.63
CA THR B 566 50.30 -5.91 -22.71
C THR B 566 49.63 -6.87 -23.68
N LYS B 567 50.43 -7.44 -24.58
CA LYS B 567 49.96 -8.40 -25.58
C LYS B 567 50.64 -9.74 -25.27
N GLY B 568 50.01 -10.52 -24.41
CA GLY B 568 50.58 -11.80 -24.02
C GLY B 568 51.82 -11.64 -23.17
N LEU B 569 52.94 -12.18 -23.64
CA LEU B 569 54.22 -12.06 -22.95
C LEU B 569 54.98 -10.79 -23.27
N VAL B 570 54.60 -10.08 -24.33
CA VAL B 570 55.33 -8.91 -24.81
C VAL B 570 54.57 -7.65 -24.43
N GLY B 571 55.30 -6.54 -24.32
CA GLY B 571 54.68 -5.27 -24.01
C GLY B 571 53.82 -4.77 -25.15
N GLY B 572 52.84 -3.94 -24.80
CA GLY B 572 51.89 -3.43 -25.76
C GLY B 572 52.08 -1.96 -26.08
N THR B 573 50.98 -1.21 -26.09
CA THR B 573 51.00 0.18 -26.50
C THR B 573 49.98 0.97 -25.71
N TYR B 574 50.16 2.28 -25.70
CA TYR B 574 49.20 3.23 -25.17
C TYR B 574 49.02 4.35 -26.19
N ALA B 575 48.18 5.32 -25.87
CA ALA B 575 47.96 6.45 -26.77
C ALA B 575 48.02 7.75 -26.01
N ARG B 576 48.45 8.80 -26.70
CA ARG B 576 48.46 10.15 -26.14
C ARG B 576 47.91 11.09 -27.18
N PHE B 577 47.00 11.97 -26.77
CA PHE B 577 46.42 12.92 -27.69
C PHE B 577 46.20 14.26 -27.01
N LEU B 578 46.09 15.30 -27.83
CA LEU B 578 45.90 16.66 -27.38
C LEU B 578 44.54 17.16 -27.84
N VAL B 579 43.77 17.70 -26.90
CA VAL B 579 42.39 18.13 -27.17
C VAL B 579 42.25 19.57 -26.71
N LYS B 580 41.67 20.41 -27.56
CA LYS B 580 41.32 21.77 -27.21
C LYS B 580 39.98 22.12 -27.83
N SER B 581 39.10 22.70 -27.03
CA SER B 581 37.76 23.03 -27.52
C SER B 581 37.83 24.25 -28.43
N GLY B 582 37.22 24.13 -29.61
CA GLY B 582 37.19 25.24 -30.55
C GLY B 582 38.40 25.37 -31.42
N ALA B 583 39.33 24.42 -31.38
CA ALA B 583 40.51 24.50 -32.23
C ALA B 583 40.13 24.47 -33.69
N MET B 584 40.69 25.39 -34.47
CA MET B 584 40.40 25.49 -35.90
C MET B 584 38.90 25.46 -36.16
N ARG B 590 36.59 21.70 -37.93
CA ARG B 590 36.53 21.04 -36.63
C ARG B 590 37.78 20.21 -36.40
N SER B 591 38.69 20.73 -35.58
CA SER B 591 39.95 20.07 -35.28
C SER B 591 40.15 20.00 -33.77
N THR B 592 39.13 19.54 -33.05
CA THR B 592 39.22 19.45 -31.60
C THR B 592 40.36 18.55 -31.16
N CYS B 593 40.82 17.64 -32.02
CA CYS B 593 41.97 16.79 -31.72
C CYS B 593 43.16 17.35 -32.49
N ILE B 594 44.05 18.04 -31.76
CA ILE B 594 45.21 18.65 -32.41
C ILE B 594 46.15 17.58 -32.94
N SER B 595 46.47 16.60 -32.11
CA SER B 595 47.42 15.56 -32.48
C SER B 595 47.10 14.32 -31.64
N ALA B 596 47.51 13.17 -32.16
CA ALA B 596 47.28 11.90 -31.49
C ALA B 596 48.38 10.95 -31.93
N GLN B 597 48.76 10.06 -31.02
CA GLN B 597 49.85 9.14 -31.30
C GLN B 597 49.64 7.85 -30.51
N VAL B 598 49.78 6.73 -31.20
CA VAL B 598 49.88 5.43 -30.57
C VAL B 598 51.36 5.12 -30.40
N VAL B 599 51.78 4.93 -29.15
CA VAL B 599 53.16 4.82 -28.76
C VAL B 599 53.34 3.49 -28.03
N ARG B 600 54.56 2.97 -28.06
CA ARG B 600 54.89 1.72 -27.42
C ARG B 600 55.29 1.94 -25.96
N VAL B 601 55.03 0.94 -25.14
CA VAL B 601 55.35 1.02 -23.72
C VAL B 601 56.78 0.54 -23.47
N THR C 16 18.46 0.46 20.39
CA THR C 16 18.65 1.29 19.21
C THR C 16 20.10 1.22 18.74
N GLY C 17 20.47 0.08 18.16
CA GLY C 17 21.84 -0.12 17.73
C GLY C 17 22.25 0.67 16.50
N ASP C 18 21.77 0.27 15.32
CA ASP C 18 22.26 0.84 14.07
C ASP C 18 21.19 1.60 13.30
N ARG C 19 20.04 0.98 13.04
CA ARG C 19 19.03 1.53 12.14
C ARG C 19 17.65 1.42 12.77
N LYS C 20 17.54 1.83 14.03
CA LYS C 20 16.29 1.76 14.79
C LYS C 20 15.68 3.15 14.91
N GLY C 21 14.53 3.21 15.55
CA GLY C 21 13.84 4.47 15.73
C GLY C 21 12.68 4.31 16.68
N ASP C 22 11.87 5.37 16.75
CA ASP C 22 10.66 5.37 17.57
C ASP C 22 9.46 4.80 16.81
N LEU C 23 9.69 4.01 15.75
CA LEU C 23 8.61 3.48 14.94
C LEU C 23 7.76 2.46 15.68
N TYR C 24 8.28 1.86 16.75
CA TYR C 24 7.58 0.80 17.48
C TYR C 24 7.55 1.15 18.97
N PRO C 25 6.73 2.11 19.36
CA PRO C 25 6.69 2.51 20.77
C PRO C 25 6.20 1.41 21.70
N SER C 26 5.03 0.86 21.43
CA SER C 26 4.38 -0.10 22.31
C SER C 26 4.30 -1.47 21.67
N SER C 27 4.11 -2.49 22.51
CA SER C 27 4.01 -3.86 22.02
C SER C 27 2.76 -4.02 21.17
N LEU C 28 1.59 -3.79 21.76
CA LEU C 28 0.35 -3.86 21.02
C LEU C 28 0.27 -2.70 20.03
N GLN C 29 -0.34 -2.96 18.88
CA GLN C 29 -0.58 -1.91 17.90
C GLN C 29 -1.82 -2.27 17.10
N PHE C 30 -2.42 -1.26 16.49
CA PHE C 30 -3.60 -1.46 15.64
C PHE C 30 -3.22 -1.80 14.20
N TYR C 31 -1.94 -1.86 13.88
CA TYR C 31 -1.47 -2.16 12.53
C TYR C 31 -2.12 -1.21 11.53
N GLN C 32 -1.86 0.08 11.72
CA GLN C 32 -2.45 1.12 10.88
C GLN C 32 -1.55 1.52 9.73
N HIS C 33 -0.25 1.67 9.98
CA HIS C 33 0.68 2.17 8.98
C HIS C 33 1.45 1.03 8.34
N PRO C 34 1.34 0.82 7.03
CA PRO C 34 2.08 -0.27 6.40
C PRO C 34 3.57 -0.07 6.52
N PRO C 35 4.34 -1.15 6.52
CA PRO C 35 5.80 -1.01 6.53
C PRO C 35 6.30 -0.45 5.21
N THR C 36 7.44 0.24 5.29
CA THR C 36 8.06 0.88 4.14
C THR C 36 9.44 0.35 3.84
N GLU C 37 9.92 -0.64 4.59
CA GLU C 37 11.28 -1.12 4.45
C GLU C 37 11.43 -2.01 3.23
N ASN C 38 12.69 -2.30 2.90
CA ASN C 38 13.05 -3.28 1.89
C ASN C 38 13.59 -4.51 2.63
N ILE C 39 12.85 -5.60 2.60
CA ILE C 39 13.26 -6.82 3.30
C ILE C 39 13.67 -7.86 2.26
N SER C 40 14.29 -8.93 2.74
CA SER C 40 14.73 -10.01 1.89
C SER C 40 13.61 -11.03 1.68
N LEU C 41 13.73 -11.82 0.63
CA LEU C 41 12.75 -12.87 0.37
C LEU C 41 12.74 -13.91 1.48
N ILE C 42 13.92 -14.25 2.00
CA ILE C 42 14.00 -15.20 3.10
C ILE C 42 13.28 -14.66 4.33
N GLU C 43 13.52 -13.38 4.66
CA GLU C 43 12.84 -12.78 5.79
C GLU C 43 11.33 -12.76 5.57
N PHE C 44 10.90 -12.42 4.35
CA PHE C 44 9.49 -12.44 4.00
C PHE C 44 8.87 -13.79 4.31
N GLU C 45 9.48 -14.85 3.79
CA GLU C 45 8.93 -16.19 3.97
C GLU C 45 8.92 -16.61 5.43
N THR C 46 10.03 -16.33 6.14
CA THR C 46 10.11 -16.72 7.54
C THR C 46 9.03 -16.04 8.37
N PHE C 47 8.87 -14.74 8.17
CA PHE C 47 7.85 -14.00 8.93
C PHE C 47 6.45 -14.51 8.60
N ALA C 48 6.16 -14.71 7.31
CA ALA C 48 4.84 -15.19 6.92
C ALA C 48 4.53 -16.53 7.59
N ILE C 49 5.45 -17.49 7.48
CA ILE C 49 5.16 -18.81 8.02
C ILE C 49 5.04 -18.74 9.54
N GLU C 50 5.90 -17.95 10.19
CA GLU C 50 5.86 -17.87 11.64
C GLU C 50 4.53 -17.33 12.13
N ARG C 51 4.04 -16.26 11.50
CA ARG C 51 2.75 -15.74 11.95
C ARG C 51 1.61 -16.68 11.59
N LEU C 52 1.73 -17.43 10.49
CA LEU C 52 0.71 -18.44 10.20
C LEU C 52 0.67 -19.49 11.31
N LYS C 53 1.84 -19.92 11.78
CA LYS C 53 1.89 -20.85 12.91
C LYS C 53 1.23 -20.24 14.13
N LEU C 54 1.52 -18.98 14.42
CA LEU C 54 0.94 -18.33 15.59
C LEU C 54 -0.58 -18.29 15.50
N LEU C 55 -1.11 -17.91 14.34
CA LEU C 55 -2.54 -17.79 14.20
C LEU C 55 -3.23 -19.16 14.25
N LYS C 56 -2.61 -20.18 13.66
CA LYS C 56 -3.18 -21.52 13.75
C LYS C 56 -3.18 -22.01 15.19
N ALA C 57 -2.11 -21.72 15.93
CA ALA C 57 -2.11 -22.08 17.35
C ALA C 57 -3.22 -21.38 18.10
N VAL C 58 -3.44 -20.09 17.80
CA VAL C 58 -4.51 -19.36 18.44
C VAL C 58 -5.86 -20.02 18.15
N GLU C 59 -6.09 -20.38 16.89
CA GLU C 59 -7.36 -21.01 16.52
C GLU C 59 -7.55 -22.34 17.24
N ASN C 60 -6.51 -23.18 17.26
CA ASN C 60 -6.62 -24.47 17.90
C ASN C 60 -6.89 -24.34 19.39
N LEU C 61 -6.18 -23.43 20.06
CA LEU C 61 -6.40 -23.24 21.49
C LEU C 61 -7.78 -22.66 21.76
N GLY C 62 -8.28 -21.79 20.89
CA GLY C 62 -9.62 -21.28 21.06
C GLY C 62 -10.67 -22.38 20.94
N VAL C 63 -10.48 -23.29 19.99
CA VAL C 63 -11.42 -24.40 19.85
C VAL C 63 -11.34 -25.32 21.05
N SER C 64 -10.14 -25.62 21.52
CA SER C 64 -9.97 -26.64 22.56
C SER C 64 -10.35 -26.11 23.94
N TYR C 65 -9.99 -24.87 24.25
CA TYR C 65 -10.13 -24.33 25.59
C TYR C 65 -10.98 -23.06 25.60
N VAL C 66 -11.43 -22.67 26.78
CA VAL C 66 -12.13 -21.41 26.96
C VAL C 66 -11.11 -20.30 27.04
N LYS C 67 -11.34 -19.22 26.30
CA LYS C 67 -10.32 -18.20 26.11
C LYS C 67 -9.93 -17.53 27.42
N ASN C 68 -10.80 -17.54 28.42
CA ASN C 68 -10.45 -17.03 29.73
C ASN C 68 -9.73 -18.06 30.58
N SER C 69 -9.66 -19.31 30.14
CA SER C 69 -9.06 -20.37 30.95
C SER C 69 -7.57 -20.10 31.14
N GLU C 70 -7.04 -20.63 32.23
CA GLU C 70 -5.60 -20.50 32.48
C GLU C 70 -4.78 -21.39 31.54
N GLU C 71 -5.33 -22.52 31.14
CA GLU C 71 -4.64 -23.37 30.17
C GLU C 71 -4.46 -22.62 28.86
N TYR C 72 -5.49 -21.90 28.42
CA TYR C 72 -5.37 -21.10 27.21
C TYR C 72 -4.22 -20.11 27.32
N SER C 73 -4.14 -19.40 28.44
CA SER C 73 -3.09 -18.39 28.61
C SER C 73 -1.71 -19.04 28.61
N LYS C 74 -1.56 -20.16 29.34
CA LYS C 74 -0.27 -20.81 29.43
C LYS C 74 0.19 -21.30 28.06
N LYS C 75 -0.70 -21.96 27.33
CA LYS C 75 -0.33 -22.50 26.03
C LYS C 75 -0.03 -21.38 25.03
N LEU C 76 -0.81 -20.30 25.07
CA LEU C 76 -0.56 -19.19 24.16
C LEU C 76 0.77 -18.51 24.48
N GLU C 77 1.09 -18.35 25.76
CA GLU C 77 2.39 -17.80 26.13
C GLU C 77 3.52 -18.71 25.65
N LEU C 78 3.34 -20.02 25.79
CA LEU C 78 4.36 -20.95 25.31
C LEU C 78 4.57 -20.81 23.80
N GLU C 79 3.48 -20.73 23.04
CA GLU C 79 3.60 -20.58 21.59
C GLU C 79 4.26 -19.27 21.22
N LEU C 80 3.89 -18.17 21.88
CA LEU C 80 4.48 -16.88 21.58
C LEU C 80 5.97 -16.90 21.88
N ARG C 81 6.37 -17.53 22.98
CA ARG C 81 7.79 -17.64 23.28
C ARG C 81 8.51 -18.49 22.25
N LYS C 82 7.88 -19.59 21.82
CA LYS C 82 8.53 -20.50 20.87
C LYS C 82 8.77 -19.81 19.54
N LEU C 83 7.80 -19.03 19.07
CA LEU C 83 7.93 -18.34 17.79
C LEU C 83 8.54 -16.96 17.90
N LYS C 84 8.83 -16.50 19.12
CA LYS C 84 9.50 -15.23 19.35
C LYS C 84 8.70 -14.06 18.80
N PHE C 85 7.50 -13.88 19.35
CA PHE C 85 6.66 -12.74 19.06
C PHE C 85 6.50 -11.90 20.32
N PRO C 86 6.25 -10.60 20.20
CA PRO C 86 6.08 -9.78 21.40
C PRO C 86 4.80 -10.17 22.14
N TYR C 87 4.93 -10.55 23.41
CA TYR C 87 3.72 -10.81 24.18
C TYR C 87 3.74 -10.17 25.56
N ARG C 88 4.92 -9.90 26.12
CA ARG C 88 5.01 -9.29 27.43
C ARG C 88 5.65 -7.92 27.32
N PRO C 89 5.29 -6.97 28.18
CA PRO C 89 5.93 -5.66 28.12
C PRO C 89 7.32 -5.78 28.73
N LEU C 90 8.08 -4.69 28.66
CA LEU C 90 9.37 -4.63 29.35
C LEU C 90 9.63 -3.18 29.77
N HIS C 91 9.64 -2.96 31.09
CA HIS C 91 9.86 -1.63 31.66
C HIS C 91 11.36 -1.37 31.79
N GLU C 92 12.08 -1.63 30.70
CA GLU C 92 13.52 -1.41 30.69
C GLU C 92 13.88 -0.31 29.72
N GLU C 93 13.64 -0.54 28.43
CA GLU C 93 13.70 0.46 27.37
C GLU C 93 13.41 -0.30 26.09
N ILE C 94 13.57 0.37 24.94
CA ILE C 94 13.45 -0.34 23.67
C ILE C 94 14.78 -1.00 23.35
N SER C 95 14.98 -2.21 23.87
CA SER C 95 16.16 -3.00 23.55
C SER C 95 16.13 -3.46 22.09
N ASP C 96 17.32 -3.56 21.50
CA ASP C 96 17.41 -3.94 20.09
C ASP C 96 16.62 -5.21 19.81
N ASP C 97 16.84 -6.26 20.61
CA ASP C 97 16.11 -7.50 20.44
C ASP C 97 14.61 -7.25 20.42
N VAL C 98 14.12 -6.50 21.42
CA VAL C 98 12.69 -6.17 21.48
C VAL C 98 12.27 -5.50 20.19
N TYR C 99 13.03 -4.49 19.76
CA TYR C 99 12.71 -3.83 18.49
C TYR C 99 12.54 -4.85 17.39
N ASP C 100 13.51 -5.76 17.26
CA ASP C 100 13.45 -6.78 16.21
C ASP C 100 12.12 -7.51 16.27
N LEU C 101 11.78 -8.02 17.47
CA LEU C 101 10.53 -8.76 17.63
C LEU C 101 9.35 -7.93 17.13
N ARG C 102 9.27 -6.67 17.57
CA ARG C 102 8.14 -5.83 17.18
C ARG C 102 8.10 -5.66 15.67
N ARG C 103 9.26 -5.42 15.07
CA ARG C 103 9.33 -5.32 13.62
C ARG C 103 8.76 -6.57 12.97
N LYS C 104 9.20 -7.74 13.45
CA LYS C 104 8.64 -8.99 12.97
C LYS C 104 7.13 -8.86 12.96
N ASP C 105 6.55 -8.65 14.14
CA ASP C 105 5.10 -8.63 14.28
C ASP C 105 4.48 -7.72 13.23
N HIS C 106 5.04 -6.53 13.08
CA HIS C 106 4.43 -5.51 12.24
C HIS C 106 4.44 -5.95 10.78
N ILE C 107 5.56 -6.50 10.32
CA ILE C 107 5.65 -6.91 8.92
C ILE C 107 4.82 -8.15 8.66
N SER C 108 5.01 -9.17 9.50
CA SER C 108 4.26 -10.42 9.35
C SER C 108 2.77 -10.16 9.23
N HIS C 109 2.23 -9.29 10.10
CA HIS C 109 0.80 -9.03 10.05
C HIS C 109 0.38 -8.62 8.63
N PHE C 110 1.05 -7.62 8.07
CA PHE C 110 0.65 -7.12 6.76
C PHE C 110 0.85 -8.18 5.68
N ILE C 111 1.91 -8.99 5.80
CA ILE C 111 2.11 -10.06 4.84
C ILE C 111 0.89 -10.98 4.86
N LEU C 112 0.44 -11.35 6.06
CA LEU C 112 -0.71 -12.22 6.16
C LEU C 112 -1.96 -11.55 5.63
N ARG C 113 -2.05 -10.22 5.80
CA ARG C 113 -3.15 -9.49 5.17
C ARG C 113 -3.16 -9.76 3.68
N LEU C 114 -2.01 -9.62 3.05
CA LEU C 114 -1.92 -9.94 1.63
C LEU C 114 -2.33 -11.38 1.37
N ALA C 115 -2.04 -12.28 2.31
CA ALA C 115 -2.44 -13.68 2.13
C ALA C 115 -3.93 -13.91 2.38
N TYR C 116 -4.56 -13.11 3.24
CA TYR C 116 -5.89 -13.43 3.75
C TYR C 116 -6.91 -12.35 3.41
N CYS C 117 -6.92 -11.90 2.16
CA CYS C 117 -7.89 -10.91 1.71
C CYS C 117 -8.59 -11.31 0.43
N GLN C 118 -8.29 -12.49 -0.13
CA GLN C 118 -8.83 -12.89 -1.41
C GLN C 118 -10.29 -13.30 -1.32
N SER C 119 -10.67 -13.98 -0.24
CA SER C 119 -12.01 -14.54 -0.10
C SER C 119 -12.61 -14.17 1.24
N GLU C 120 -13.91 -13.88 1.23
CA GLU C 120 -14.60 -13.48 2.46
C GLU C 120 -14.34 -14.46 3.59
N ASP C 121 -14.51 -15.75 3.32
CA ASP C 121 -14.17 -16.78 4.32
C ASP C 121 -12.82 -16.48 4.95
N LEU C 122 -11.78 -16.45 4.12
CA LEU C 122 -10.43 -16.18 4.60
C LEU C 122 -10.41 -14.91 5.45
N ARG C 123 -11.02 -13.85 4.95
CA ARG C 123 -11.03 -12.59 5.68
C ARG C 123 -11.55 -12.80 7.10
N ARG C 124 -12.74 -13.41 7.20
CA ARG C 124 -13.35 -13.64 8.51
C ARG C 124 -12.38 -14.40 9.40
N TRP C 125 -11.82 -15.49 8.87
CA TRP C 125 -10.89 -16.29 9.66
C TRP C 125 -9.77 -15.41 10.21
N PHE C 126 -9.11 -14.67 9.32
CA PHE C 126 -8.01 -13.81 9.71
C PHE C 126 -8.46 -12.90 10.85
N ILE C 127 -9.57 -12.20 10.62
CA ILE C 127 -10.04 -11.23 11.60
C ILE C 127 -10.19 -11.91 12.94
N GLN C 128 -10.87 -13.06 12.96
CA GLN C 128 -11.12 -13.74 14.22
C GLN C 128 -9.81 -14.00 14.95
N GLN C 129 -8.86 -14.63 14.25
CA GLN C 129 -7.61 -14.98 14.91
C GLN C 129 -6.91 -13.74 15.44
N GLU C 130 -6.86 -12.69 14.62
CA GLU C 130 -6.17 -11.47 15.03
C GLU C 130 -6.81 -10.91 16.28
N MET C 131 -8.14 -10.84 16.30
CA MET C 131 -8.84 -10.32 17.47
C MET C 131 -8.47 -11.12 18.70
N ASP C 132 -8.49 -12.45 18.58
CA ASP C 132 -8.16 -13.29 19.72
C ASP C 132 -6.79 -12.93 20.25
N LEU C 133 -5.80 -12.89 19.35
CA LEU C 133 -4.43 -12.59 19.78
C LEU C 133 -4.39 -11.25 20.49
N PHE C 134 -5.04 -10.24 19.90
CA PHE C 134 -5.01 -8.90 20.48
C PHE C 134 -5.60 -8.93 21.88
N LYS C 135 -6.73 -9.61 22.04
CA LYS C 135 -7.35 -9.71 23.34
C LYS C 135 -6.38 -10.26 24.35
N PHE C 136 -5.75 -11.39 24.01
CA PHE C 136 -4.79 -12.00 24.92
C PHE C 136 -3.73 -10.98 25.34
N ARG C 137 -3.16 -10.29 24.36
CA ARG C 137 -2.07 -9.36 24.65
C ARG C 137 -2.55 -8.25 25.56
N PHE C 138 -3.76 -7.74 25.30
CA PHE C 138 -4.31 -6.71 26.17
C PHE C 138 -4.45 -7.26 27.58
N GLY C 139 -4.90 -8.51 27.71
CA GLY C 139 -5.06 -9.11 29.01
C GLY C 139 -3.76 -9.19 29.77
N LEU C 140 -2.63 -9.09 29.07
CA LEU C 140 -1.33 -9.15 29.73
C LEU C 140 -0.71 -7.78 29.99
N LEU C 141 -1.46 -6.71 29.78
CA LEU C 141 -0.95 -5.34 29.94
C LEU C 141 -1.21 -4.78 31.33
N THR C 142 -0.15 -4.30 31.98
CA THR C 142 -0.30 -3.59 33.25
C THR C 142 -0.98 -2.25 33.03
N LYS C 143 -1.66 -1.76 34.06
CA LYS C 143 -2.48 -0.55 33.92
C LYS C 143 -1.68 0.59 33.30
N GLU C 144 -0.48 0.85 33.82
CA GLU C 144 0.38 1.87 33.23
C GLU C 144 0.52 1.66 31.73
N SER C 145 1.04 0.50 31.34
CA SER C 145 1.18 0.18 29.92
C SER C 145 -0.14 0.37 29.19
N VAL C 146 -1.24 -0.06 29.80
CA VAL C 146 -2.54 0.07 29.14
C VAL C 146 -2.80 1.52 28.78
N GLN C 147 -2.64 2.41 29.76
CA GLN C 147 -2.85 3.83 29.51
C GLN C 147 -1.92 4.33 28.41
N GLU C 148 -0.66 3.92 28.47
CA GLU C 148 0.29 4.34 27.43
C GLU C 148 -0.29 4.01 26.07
N PHE C 149 -0.73 2.76 25.90
CA PHE C 149 -1.32 2.34 24.64
C PHE C 149 -2.50 3.23 24.28
N LEU C 150 -3.43 3.40 25.21
CA LEU C 150 -4.64 4.17 24.93
C LEU C 150 -4.31 5.61 24.54
N LYS C 151 -3.14 6.10 24.91
CA LYS C 151 -2.72 7.45 24.53
C LYS C 151 -2.08 7.46 23.15
N LEU C 152 -1.19 6.51 22.89
CA LEU C 152 -0.41 6.52 21.66
C LEU C 152 -1.30 6.45 20.43
N ASN C 153 -2.49 5.85 20.56
CA ASN C 153 -3.41 5.70 19.45
C ASN C 153 -4.54 6.71 19.48
N ASP C 154 -4.45 7.72 20.33
CA ASP C 154 -5.46 8.78 20.41
C ASP C 154 -6.84 8.20 20.70
N LEU C 155 -6.87 7.25 21.63
CA LEU C 155 -8.16 6.74 22.07
C LEU C 155 -8.73 7.61 23.18
N GLN C 156 -7.85 8.28 23.93
CA GLN C 156 -8.21 9.29 24.92
C GLN C 156 -9.35 8.79 25.83
N TYR C 157 -9.04 7.70 26.50
CA TYR C 157 -9.88 7.18 27.57
C TYR C 157 -9.21 7.47 28.90
N VAL C 158 -9.93 8.09 29.81
CA VAL C 158 -9.36 8.62 31.04
C VAL C 158 -9.56 7.61 32.15
N ALA C 159 -11.28 9.27 31.19
CA ALA C 159 -11.39 8.62 32.49
C ALA C 159 -11.98 9.62 33.48
N ILE C 160 -13.06 9.25 34.14
CA ILE C 160 -13.76 10.18 35.01
C ILE C 160 -12.88 10.52 36.21
N SER C 161 -13.08 11.73 36.74
CA SER C 161 -12.41 12.14 37.95
C SER C 161 -13.01 11.43 39.16
N GLU C 162 -12.27 11.45 40.27
CA GLU C 162 -12.80 10.90 41.51
C GLU C 162 -13.95 11.75 42.03
N ASP C 163 -13.83 13.08 41.92
CA ASP C 163 -14.88 13.96 42.42
C ASP C 163 -16.19 13.75 41.68
N GLU C 164 -16.12 13.67 40.35
CA GLU C 164 -17.34 13.40 39.59
C GLU C 164 -17.89 12.02 39.91
N LYS C 165 -17.00 11.06 40.17
CA LYS C 165 -17.45 9.72 40.55
C LYS C 165 -18.26 9.78 41.85
N ASN C 166 -17.74 10.48 42.86
CA ASN C 166 -18.53 10.66 44.07
C ASN C 166 -19.81 11.41 43.79
N MET C 167 -19.77 12.36 42.86
CA MET C 167 -20.97 13.12 42.51
C MET C 167 -22.08 12.21 42.01
N HIS C 168 -21.73 11.21 41.19
CA HIS C 168 -22.72 10.27 40.65
C HIS C 168 -22.57 8.88 41.26
N LYS C 169 -22.13 8.81 42.53
CA LYS C 169 -21.89 7.52 43.17
C LYS C 169 -23.10 6.60 43.09
N GLU C 170 -24.27 7.08 43.51
CA GLU C 170 -25.44 6.19 43.55
C GLU C 170 -25.86 5.76 42.15
N ASP C 171 -25.81 6.69 41.19
CA ASP C 171 -26.17 6.37 39.82
C ASP C 171 -25.23 5.29 39.27
N LEU C 172 -23.93 5.45 39.53
CA LEU C 172 -22.98 4.45 39.08
C LEU C 172 -23.23 3.11 39.75
N MET C 173 -23.53 3.13 41.05
CA MET C 173 -23.78 1.89 41.76
C MET C 173 -24.96 1.15 41.16
N ASN C 174 -26.04 1.86 40.84
CA ASN C 174 -27.21 1.22 40.25
C ASN C 174 -27.04 0.94 38.76
N SER C 175 -26.02 1.50 38.12
CA SER C 175 -25.83 1.27 36.69
C SER C 175 -25.14 -0.06 36.43
N SER C 176 -24.00 -0.31 37.07
CA SER C 176 -23.21 -1.49 36.79
C SER C 176 -23.75 -2.67 37.58
N PHE C 177 -24.05 -3.76 36.86
CA PHE C 177 -24.63 -4.94 37.48
C PHE C 177 -23.62 -5.60 38.40
N GLY C 178 -24.09 -6.01 39.58
CA GLY C 178 -23.24 -6.77 40.50
C GLY C 178 -22.00 -6.03 40.95
N LEU C 179 -22.13 -4.74 41.28
CA LEU C 179 -21.02 -3.93 41.75
C LEU C 179 -21.27 -3.57 43.21
N SER C 180 -20.34 -3.94 44.08
CA SER C 180 -20.49 -3.68 45.50
C SER C 180 -19.98 -2.29 45.87
N LEU C 181 -20.48 -1.78 47.00
CA LEU C 181 -20.14 -0.43 47.42
C LEU C 181 -18.63 -0.22 47.48
N THR C 182 -17.94 -0.99 48.33
CA THR C 182 -16.50 -0.84 48.46
C THR C 182 -15.79 -1.23 47.16
N LYS C 183 -16.17 -2.36 46.58
CA LYS C 183 -15.58 -2.76 45.31
C LYS C 183 -15.77 -1.66 44.27
N MET C 184 -16.93 -1.02 44.27
CA MET C 184 -17.14 0.10 43.36
C MET C 184 -16.19 1.25 43.69
N GLU C 185 -16.00 1.53 44.97
CA GLU C 185 -15.03 2.55 45.36
C GLU C 185 -13.63 2.22 44.84
N ASP C 186 -13.36 0.93 44.62
CA ASP C 186 -12.05 0.50 44.13
C ASP C 186 -11.95 0.51 42.61
N THR C 187 -12.99 0.96 41.90
CA THR C 187 -13.03 0.91 40.44
C THR C 187 -13.16 2.31 39.87
N GLU C 188 -12.61 2.50 38.66
CA GLU C 188 -12.67 3.75 37.94
C GLU C 188 -13.33 3.54 36.59
N PHE C 189 -14.20 4.46 36.20
CA PHE C 189 -14.99 4.37 34.98
C PHE C 189 -14.38 5.24 33.88
N TYR C 190 -14.96 5.11 32.69
CA TYR C 190 -14.55 5.91 31.52
C TYR C 190 -15.78 6.54 30.89
N LYS C 191 -15.60 7.72 30.30
CA LYS C 191 -16.69 8.44 29.64
C LYS C 191 -16.58 8.23 28.13
N VAL C 192 -17.62 7.66 27.52
CA VAL C 192 -17.61 7.41 26.08
C VAL C 192 -18.87 7.98 25.43
N PRO C 193 -18.79 8.51 24.21
CA PRO C 193 -20.02 8.88 23.51
C PRO C 193 -20.93 7.67 23.36
N PHE C 194 -22.23 7.89 23.54
CA PHE C 194 -23.16 6.79 23.57
C PHE C 194 -23.25 6.08 22.22
N GLN C 195 -22.80 6.71 21.14
CA GLN C 195 -22.82 6.06 19.84
C GLN C 195 -21.88 4.88 19.76
N ALA C 196 -20.91 4.78 20.67
CA ALA C 196 -19.97 3.67 20.68
C ALA C 196 -20.39 2.54 21.62
N ALA C 197 -21.26 2.82 22.58
CA ALA C 197 -21.72 1.83 23.53
C ALA C 197 -23.10 1.30 23.19
N LEU C 198 -23.44 1.26 21.91
CA LEU C 198 -24.76 0.82 21.48
C LEU C 198 -25.16 -0.48 22.17
N ASP C 199 -24.28 -1.48 22.12
CA ASP C 199 -24.62 -2.80 22.66
C ASP C 199 -24.84 -2.76 24.16
N LEU C 200 -24.25 -1.79 24.86
CA LEU C 200 -24.47 -1.66 26.31
C LEU C 200 -25.72 -0.86 26.60
N VAL C 201 -25.88 0.30 25.94
CA VAL C 201 -27.03 1.15 26.21
C VAL C 201 -28.32 0.46 25.84
N ARG C 202 -28.34 -0.24 24.72
CA ARG C 202 -29.57 -0.85 24.21
C ARG C 202 -30.29 -1.70 25.23
N PRO C 203 -29.63 -2.57 25.99
CA PRO C 203 -30.29 -3.27 27.11
C PRO C 203 -30.23 -2.55 28.44
N ARG C 204 -29.81 -1.28 28.48
CA ARG C 204 -29.83 -0.47 29.69
C ARG C 204 -28.96 -1.11 30.79
N LYS C 205 -27.69 -1.31 30.47
CA LYS C 205 -26.73 -1.82 31.45
C LYS C 205 -25.58 -0.86 31.66
N VAL C 206 -25.73 0.40 31.28
CA VAL C 206 -24.73 1.42 31.59
C VAL C 206 -25.44 2.77 31.67
N PHE C 207 -25.06 3.56 32.68
CA PHE C 207 -25.68 4.85 32.91
C PHE C 207 -25.28 5.83 31.83
N LEU C 208 -26.26 6.61 31.35
CA LEU C 208 -26.03 7.70 30.42
C LEU C 208 -26.28 9.03 31.11
N TRP C 209 -25.32 9.94 31.01
CA TRP C 209 -25.49 11.30 31.51
C TRP C 209 -24.96 12.28 30.49
N ARG C 210 -25.82 13.15 29.99
CA ARG C 210 -25.44 14.23 29.08
C ARG C 210 -24.68 13.67 27.87
N GLY C 211 -25.21 12.60 27.30
CA GLY C 211 -24.68 12.06 26.07
C GLY C 211 -23.46 11.18 26.21
N PHE C 212 -23.01 10.92 27.43
CA PHE C 212 -21.86 10.07 27.67
C PHE C 212 -22.23 8.91 28.58
N ALA C 213 -21.75 7.73 28.22
CA ALA C 213 -21.90 6.52 29.03
C ALA C 213 -20.68 6.35 29.92
N PHE C 214 -20.91 5.83 31.11
CA PHE C 214 -19.88 5.66 32.13
C PHE C 214 -19.61 4.15 32.24
N ILE C 215 -18.59 3.73 31.51
CA ILE C 215 -18.29 2.32 31.26
C ILE C 215 -17.17 1.87 32.19
N PRO C 216 -17.37 0.82 32.98
CA PRO C 216 -16.30 0.37 33.87
C PRO C 216 -15.11 -0.14 33.09
N HIS C 217 -14.10 -0.59 33.84
CA HIS C 217 -12.86 -1.07 33.24
C HIS C 217 -13.06 -2.40 32.54
N LYS C 218 -12.25 -4.82 32.81
CA LYS C 218 -12.61 -6.01 32.04
C LYS C 218 -13.37 -5.67 30.75
N ASP C 219 -14.26 -4.69 30.81
CA ASP C 219 -15.07 -4.32 29.66
C ASP C 219 -14.30 -3.48 28.64
N ILE C 220 -13.30 -2.72 29.08
CA ILE C 220 -12.63 -1.78 28.19
C ILE C 220 -12.07 -2.50 26.98
N VAL C 221 -11.49 -3.69 27.21
CA VAL C 221 -10.92 -4.44 26.12
C VAL C 221 -11.96 -4.57 25.03
N SER C 222 -13.21 -4.81 25.40
CA SER C 222 -14.27 -4.96 24.40
C SER C 222 -14.31 -3.76 23.47
N ILE C 223 -14.39 -2.55 24.02
CA ILE C 223 -14.44 -1.35 23.18
C ILE C 223 -13.20 -1.28 22.29
N VAL C 224 -12.03 -1.50 22.88
CA VAL C 224 -10.80 -1.43 22.10
C VAL C 224 -10.91 -2.40 20.92
N LEU C 225 -11.36 -3.62 21.20
CA LEU C 225 -11.47 -4.64 20.18
C LEU C 225 -12.43 -4.20 19.10
N ASN C 226 -13.56 -3.61 19.49
CA ASN C 226 -14.52 -3.13 18.50
C ASN C 226 -13.81 -2.20 17.52
N ASP C 227 -13.11 -1.20 18.05
CA ASP C 227 -12.39 -0.28 17.19
C ASP C 227 -11.47 -1.05 16.27
N PHE C 228 -10.65 -1.93 16.87
CA PHE C 228 -9.67 -2.70 16.11
C PHE C 228 -10.35 -3.42 14.96
N ARG C 229 -11.46 -4.11 15.26
CA ARG C 229 -12.15 -4.91 14.27
C ARG C 229 -12.60 -4.03 13.11
N ALA C 230 -13.25 -2.92 13.43
CA ALA C 230 -13.65 -1.98 12.38
C ALA C 230 -12.46 -1.72 11.46
N LYS C 231 -11.39 -1.19 12.04
CA LYS C 231 -10.21 -0.83 11.25
C LYS C 231 -9.78 -2.00 10.38
N LEU C 232 -9.65 -3.18 11.01
CA LEU C 232 -9.07 -4.32 10.32
C LEU C 232 -9.93 -4.70 9.13
N SER C 233 -11.25 -4.73 9.32
CA SER C 233 -12.14 -5.05 8.21
C SER C 233 -11.92 -4.08 7.06
N LYS C 234 -11.92 -2.79 7.37
CA LYS C 234 -11.67 -1.80 6.32
C LYS C 234 -10.38 -2.13 5.59
N ALA C 235 -9.32 -2.39 6.35
CA ALA C 235 -8.01 -2.64 5.76
C ALA C 235 -8.08 -3.83 4.82
N LEU C 236 -8.74 -4.90 5.25
CA LEU C 236 -8.82 -6.10 4.42
C LEU C 236 -9.53 -5.78 3.11
N ALA C 237 -10.62 -5.01 3.20
CA ALA C 237 -11.29 -4.60 1.97
C ALA C 237 -10.31 -3.91 1.04
N LEU C 238 -9.59 -2.92 1.55
CA LEU C 238 -8.64 -2.19 0.71
C LEU C 238 -7.62 -3.14 0.10
N SER C 239 -7.13 -4.10 0.89
CA SER C 239 -6.12 -5.03 0.39
C SER C 239 -6.70 -5.85 -0.75
N ALA C 240 -7.93 -6.33 -0.60
CA ALA C 240 -8.55 -7.08 -1.68
C ALA C 240 -8.71 -6.20 -2.91
N ARG C 241 -8.84 -4.89 -2.71
CA ARG C 241 -8.92 -3.97 -3.82
C ARG C 241 -7.58 -3.74 -4.49
N SER C 242 -6.48 -4.03 -3.80
CA SER C 242 -5.13 -3.80 -4.33
C SER C 242 -4.40 -5.10 -4.64
N LEU C 243 -5.16 -6.14 -5.02
CA LEU C 243 -4.60 -7.46 -5.27
C LEU C 243 -3.90 -7.57 -6.63
N PRO C 244 -4.41 -6.96 -7.69
CA PRO C 244 -3.77 -7.14 -9.00
C PRO C 244 -2.31 -6.72 -9.02
N VAL C 245 -1.91 -5.77 -8.17
CA VAL C 245 -0.52 -5.33 -8.17
C VAL C 245 0.42 -6.40 -7.64
N VAL C 246 -0.09 -7.36 -6.88
CA VAL C 246 0.77 -8.34 -6.21
C VAL C 246 0.83 -9.64 -7.00
N GLN C 247 -0.27 -9.97 -7.69
CA GLN C 247 -0.31 -11.23 -8.42
C GLN C 247 0.80 -11.31 -9.47
N SER C 248 1.24 -10.17 -9.99
CA SER C 248 2.30 -10.16 -11.00
C SER C 248 3.66 -10.53 -10.43
N ASP C 249 3.83 -10.57 -9.11
CA ASP C 249 5.11 -10.89 -8.49
C ASP C 249 5.14 -12.39 -8.24
N GLU C 250 5.64 -13.14 -9.22
CA GLU C 250 5.67 -14.59 -9.11
C GLU C 250 6.30 -15.05 -7.80
N ARG C 251 7.37 -14.39 -7.37
CA ARG C 251 8.07 -14.82 -6.16
C ARG C 251 7.10 -15.01 -5.00
N LEU C 252 6.15 -14.09 -4.84
CA LEU C 252 5.24 -14.10 -3.71
C LEU C 252 3.89 -14.74 -4.04
N GLN C 253 3.72 -15.28 -5.24
CA GLN C 253 2.43 -15.85 -5.59
C GLN C 253 2.26 -17.23 -4.99
N PRO C 254 3.23 -18.14 -5.12
CA PRO C 254 3.06 -19.46 -4.51
C PRO C 254 2.77 -19.39 -3.03
N LEU C 255 3.36 -18.43 -2.32
CA LEU C 255 3.14 -18.32 -0.90
C LEU C 255 1.76 -17.76 -0.60
N LEU C 256 1.50 -16.53 -1.03
CA LEU C 256 0.28 -15.84 -0.62
C LEU C 256 -0.97 -16.56 -1.12
N ASN C 257 -0.95 -17.06 -2.36
CA ASN C 257 -2.12 -17.74 -2.90
C ASN C 257 -2.43 -19.05 -2.18
N HIS C 258 -1.47 -19.60 -1.43
CA HIS C 258 -1.64 -20.93 -0.85
C HIS C 258 -1.25 -20.97 0.62
N LEU C 259 -1.00 -19.83 1.25
CA LEU C 259 -0.60 -19.81 2.65
C LEU C 259 -1.64 -20.53 3.51
N SER C 260 -2.92 -20.27 3.25
CA SER C 260 -3.97 -20.89 4.05
C SER C 260 -3.89 -22.41 4.03
N HIS C 261 -3.31 -22.98 2.97
CA HIS C 261 -3.16 -24.42 2.83
C HIS C 261 -1.69 -24.84 2.96
N SER C 262 -0.97 -24.20 3.88
CA SER C 262 0.45 -24.48 4.08
C SER C 262 0.67 -25.33 5.32
N TYR C 263 1.38 -26.44 5.14
CA TYR C 263 1.72 -27.32 6.25
C TYR C 263 2.78 -26.65 7.13
N ILE C 264 2.57 -26.67 8.45
CA ILE C 264 3.41 -25.91 9.37
C ILE C 264 4.03 -26.83 10.41
N TYR D 9 -67.33 21.21 13.45
CA TYR D 9 -66.53 21.33 12.24
C TYR D 9 -67.06 20.39 11.16
N ASP D 10 -67.19 20.92 9.94
CA ASP D 10 -67.71 20.15 8.82
C ASP D 10 -66.56 19.75 7.90
N PRO D 11 -66.24 18.46 7.76
CA PRO D 11 -65.08 18.10 6.92
C PRO D 11 -65.33 18.32 5.45
N ALA D 12 -66.59 18.35 5.01
CA ALA D 12 -66.88 18.83 3.67
C ALA D 12 -66.45 20.27 3.48
N SER D 13 -66.30 21.02 4.58
CA SER D 13 -65.80 22.39 4.51
C SER D 13 -64.28 22.44 4.46
N LEU D 14 -63.59 21.31 4.61
CA LEU D 14 -62.15 21.32 4.50
C LEU D 14 -61.66 21.87 3.16
N PRO D 15 -62.15 21.40 2.02
CA PRO D 15 -61.61 21.91 0.75
C PRO D 15 -61.83 23.39 0.55
N ASP D 16 -62.79 23.98 1.26
CA ASP D 16 -63.02 25.42 1.15
C ASP D 16 -61.98 26.23 1.91
N VAL D 17 -61.51 25.73 3.05
CA VAL D 17 -60.71 26.55 3.94
C VAL D 17 -59.21 26.34 3.69
N LEU D 18 -58.85 25.14 3.24
CA LEU D 18 -57.43 24.81 3.11
C LEU D 18 -56.65 25.87 2.35
N PRO D 19 -57.09 26.35 1.20
CA PRO D 19 -56.27 27.34 0.48
C PRO D 19 -56.00 28.59 1.30
N LEU D 20 -57.04 29.22 1.84
CA LEU D 20 -56.85 30.45 2.59
C LEU D 20 -55.78 30.26 3.65
N TYR D 21 -55.85 29.17 4.41
CA TYR D 21 -54.89 28.93 5.47
C TYR D 21 -53.48 28.88 4.89
N TYR D 22 -53.32 28.10 3.83
CA TYR D 22 -52.01 27.92 3.21
C TYR D 22 -51.56 29.19 2.56
N ARG D 23 -52.45 30.15 2.39
CA ARG D 23 -52.13 31.41 1.76
C ARG D 23 -51.81 32.47 2.80
N ARG D 24 -52.54 32.51 3.92
CA ARG D 24 -52.39 33.62 4.84
C ARG D 24 -52.14 33.23 6.29
N LEU D 25 -51.94 31.96 6.59
CA LEU D 25 -51.76 31.56 7.97
C LEU D 25 -50.59 30.63 8.22
N PHE D 26 -50.37 29.64 7.35
CA PHE D 26 -49.25 28.72 7.47
C PHE D 26 -47.92 29.48 7.59
N PRO D 27 -47.19 29.34 8.71
CA PRO D 27 -45.97 30.14 8.93
C PRO D 27 -44.77 29.66 8.11
N PHE D 28 -44.72 30.13 6.86
CA PHE D 28 -43.69 29.65 5.94
C PHE D 28 -42.30 30.15 6.31
N TYR D 29 -42.20 31.40 6.77
CA TYR D 29 -40.88 31.94 7.09
C TYR D 29 -40.20 31.11 8.17
N GLN D 30 -40.88 30.90 9.29
CA GLN D 30 -40.31 30.10 10.36
C GLN D 30 -40.12 28.65 9.93
N TYR D 31 -41.01 28.15 9.08
CA TYR D 31 -40.88 26.78 8.60
C TYR D 31 -39.57 26.61 7.84
N PHE D 32 -39.26 27.58 6.98
CA PHE D 32 -38.00 27.52 6.24
C PHE D 32 -36.81 27.72 7.16
N ARG D 33 -36.93 28.61 8.14
CA ARG D 33 -35.85 28.75 9.11
C ARG D 33 -35.52 27.40 9.75
N TRP D 34 -36.57 26.68 10.15
CA TRP D 34 -36.42 25.37 10.75
C TRP D 34 -35.71 24.43 9.78
N LEU D 35 -36.34 24.14 8.66
CA LEU D 35 -35.82 23.06 7.82
C LEU D 35 -34.53 23.46 7.12
N ASN D 36 -34.21 24.75 7.06
CA ASN D 36 -32.97 25.19 6.46
C ASN D 36 -31.80 25.19 7.42
N TYR D 37 -32.07 25.24 8.73
CA TYR D 37 -31.01 25.10 9.72
C TYR D 37 -29.85 26.06 9.46
N GLY D 38 -30.18 27.33 9.27
CA GLY D 38 -29.16 28.36 9.14
C GLY D 38 -28.23 28.21 7.95
N GLY D 39 -28.64 27.52 6.90
CA GLY D 39 -27.84 27.45 5.70
C GLY D 39 -26.43 26.91 5.82
N VAL D 40 -26.01 26.54 7.03
CA VAL D 40 -24.64 26.07 7.26
C VAL D 40 -24.26 25.00 6.24
N VAL D 41 -25.09 23.97 6.09
CA VAL D 41 -24.80 22.87 5.18
C VAL D 41 -25.50 23.16 3.85
N LYS D 42 -24.72 23.19 2.77
CA LYS D 42 -25.28 23.46 1.46
C LYS D 42 -26.16 22.30 1.01
N ASN D 43 -27.23 22.61 0.29
CA ASN D 43 -28.20 21.67 -0.23
C ASN D 43 -29.00 20.99 0.88
N TYR D 44 -28.95 21.51 2.11
CA TYR D 44 -29.66 20.88 3.20
C TYR D 44 -31.17 20.98 3.01
N PHE D 45 -31.67 22.18 2.76
CA PHE D 45 -33.10 22.32 2.49
C PHE D 45 -33.45 21.76 1.11
N GLN D 46 -32.49 21.76 0.19
CA GLN D 46 -32.77 21.36 -1.17
C GLN D 46 -32.82 19.85 -1.31
N HIS D 47 -32.26 19.11 -0.36
CA HIS D 47 -32.26 17.66 -0.37
C HIS D 47 -33.30 17.07 0.59
N ARG D 48 -34.11 17.92 1.22
CA ARG D 48 -35.15 17.44 2.12
C ARG D 48 -36.31 16.83 1.36
N GLU D 49 -36.75 15.66 1.82
CA GLU D 49 -37.95 15.02 1.28
C GLU D 49 -39.20 15.54 1.96
N PHE D 50 -40.23 15.80 1.16
CA PHE D 50 -41.56 16.07 1.63
C PHE D 50 -42.51 15.06 0.99
N SER D 51 -43.68 14.87 1.60
CA SER D 51 -44.73 14.13 0.94
C SER D 51 -46.07 14.80 1.18
N PHE D 52 -46.91 14.77 0.16
CA PHE D 52 -48.22 15.40 0.19
C PHE D 52 -49.31 14.35 0.03
N THR D 53 -50.41 14.54 0.77
CA THR D 53 -51.63 13.77 0.55
C THR D 53 -52.72 14.74 0.12
N LEU D 54 -53.22 14.57 -1.10
CA LEU D 54 -54.19 15.45 -1.73
C LEU D 54 -55.60 14.89 -1.55
N LYS D 55 -56.57 15.55 -2.17
CA LYS D 55 -57.95 15.09 -2.11
C LYS D 55 -58.09 13.69 -2.68
N ASP D 56 -59.06 12.95 -2.14
CA ASP D 56 -59.31 11.56 -2.53
C ASP D 56 -58.10 10.66 -2.25
N ASP D 57 -57.37 10.96 -1.19
CA ASP D 57 -56.26 10.11 -0.73
C ASP D 57 -55.32 9.78 -1.90
N VAL D 58 -54.70 10.83 -2.43
CA VAL D 58 -53.68 10.70 -3.46
C VAL D 58 -52.35 11.10 -2.83
N TYR D 59 -51.39 10.16 -2.85
CA TYR D 59 -50.15 10.30 -2.11
C TYR D 59 -49.00 10.54 -3.07
N VAL D 60 -48.15 11.51 -2.76
CA VAL D 60 -46.98 11.80 -3.58
C VAL D 60 -45.79 12.04 -2.67
N ARG D 61 -44.63 11.49 -3.04
CA ARG D 61 -43.41 11.72 -2.29
C ARG D 61 -42.25 12.09 -3.22
N TYR D 62 -41.05 12.12 -2.67
CA TYR D 62 -39.87 12.61 -3.38
C TYR D 62 -40.10 14.02 -3.92
N GLN D 63 -40.82 14.82 -3.14
CA GLN D 63 -40.98 16.24 -3.42
C GLN D 63 -39.87 17.04 -2.74
N SER D 64 -39.15 17.83 -3.52
CA SER D 64 -38.15 18.73 -2.97
C SER D 64 -38.29 20.09 -3.63
N PHE D 65 -37.75 21.11 -2.96
CA PHE D 65 -37.94 22.48 -3.41
C PHE D 65 -36.63 23.25 -3.31
N ASN D 66 -36.51 24.28 -4.15
CA ASN D 66 -35.26 25.03 -4.23
C ASN D 66 -35.11 26.00 -3.07
N ASN D 67 -36.19 26.67 -2.68
CA ASN D 67 -36.16 27.62 -1.58
C ASN D 67 -37.60 27.93 -1.15
N GLN D 68 -37.73 28.87 -0.22
CA GLN D 68 -39.04 29.18 0.36
C GLN D 68 -40.05 29.57 -0.71
N SER D 69 -39.63 30.31 -1.74
CA SER D 69 -40.58 30.74 -2.75
C SER D 69 -41.17 29.55 -3.50
N GLU D 70 -40.32 28.61 -3.91
CA GLU D 70 -40.83 27.43 -4.60
C GLU D 70 -41.78 26.63 -3.72
N LEU D 71 -41.43 26.48 -2.45
CA LEU D 71 -42.30 25.73 -1.55
C LEU D 71 -43.66 26.40 -1.42
N GLU D 72 -43.66 27.70 -1.12
CA GLU D 72 -44.92 28.43 -1.02
C GLU D 72 -45.74 28.26 -2.29
N LYS D 73 -45.09 28.34 -3.44
CA LYS D 73 -45.80 28.23 -4.71
C LYS D 73 -46.45 26.87 -4.83
N GLU D 74 -45.63 25.82 -4.85
CA GLU D 74 -46.16 24.49 -5.13
C GLU D 74 -47.17 24.06 -4.08
N MET D 75 -47.01 24.51 -2.83
CA MET D 75 -47.98 24.16 -1.81
C MET D 75 -49.30 24.87 -2.05
N GLN D 76 -49.26 26.19 -2.29
CA GLN D 76 -50.50 26.90 -2.57
C GLN D 76 -51.17 26.36 -3.83
N LYS D 77 -50.38 25.80 -4.74
CA LYS D 77 -50.93 25.23 -5.96
C LYS D 77 -51.63 23.90 -5.70
N MET D 78 -51.01 23.03 -4.89
CA MET D 78 -51.54 21.70 -4.70
C MET D 78 -52.67 21.67 -3.67
N CYS D 79 -52.56 22.48 -2.62
CA CYS D 79 -53.53 22.48 -1.52
C CYS D 79 -53.63 21.07 -0.93
N PRO D 80 -52.54 20.54 -0.37
CA PRO D 80 -52.58 19.16 0.13
C PRO D 80 -53.34 19.04 1.43
N TYR D 81 -53.93 17.86 1.63
CA TYR D 81 -54.63 17.59 2.88
C TYR D 81 -53.66 17.23 4.00
N LYS D 82 -52.56 16.56 3.67
CA LYS D 82 -51.55 16.17 4.65
C LYS D 82 -50.18 16.56 4.14
N ILE D 83 -49.31 17.02 5.05
CA ILE D 83 -47.92 17.32 4.75
C ILE D 83 -47.06 16.53 5.72
N ASP D 84 -46.17 15.71 5.18
CA ASP D 84 -45.22 14.93 5.96
C ASP D 84 -43.80 15.34 5.59
N ILE D 85 -42.95 15.46 6.59
CA ILE D 85 -41.54 15.78 6.41
C ILE D 85 -40.76 14.49 6.48
N GLY D 86 -39.79 14.33 5.59
CA GLY D 86 -39.00 13.11 5.55
C GLY D 86 -37.52 13.35 5.74
N ALA D 87 -36.68 12.49 5.19
CA ALA D 87 -35.25 12.62 5.41
C ALA D 87 -34.63 13.64 4.47
N VAL D 88 -33.38 14.00 4.77
CA VAL D 88 -32.52 14.73 3.87
C VAL D 88 -31.63 13.72 3.16
N TYR D 89 -31.72 13.67 1.85
CA TYR D 89 -31.11 12.62 1.07
C TYR D 89 -29.77 13.09 0.51
N SER D 90 -29.07 12.17 -0.16
CA SER D 90 -27.77 12.49 -0.75
C SER D 90 -27.92 13.45 -1.92
N HIS D 91 -29.05 13.39 -2.61
CA HIS D 91 -29.36 14.28 -3.73
C HIS D 91 -30.76 14.83 -3.53
N ARG D 92 -31.22 15.63 -4.47
CA ARG D 92 -32.58 16.15 -4.39
C ARG D 92 -33.58 15.05 -4.71
N PRO D 93 -34.55 14.78 -3.82
CA PRO D 93 -35.57 13.77 -4.12
C PRO D 93 -36.27 13.93 -5.45
N SER D 94 -36.51 15.18 -5.88
CA SER D 94 -37.22 15.40 -7.13
C SER D 94 -36.52 14.69 -8.29
N LEU D 95 -35.20 14.53 -8.20
CA LEU D 95 -34.41 13.90 -9.25
C LEU D 95 -33.96 12.51 -8.86
N HIS D 96 -34.71 11.82 -7.99
CA HIS D 96 -34.28 10.50 -7.55
C HIS D 96 -34.24 9.51 -8.72
N ASN D 97 -35.06 9.74 -9.75
CA ASN D 97 -35.04 8.88 -10.93
C ASN D 97 -33.70 9.00 -11.65
N THR D 98 -33.04 10.14 -11.54
CA THR D 98 -31.81 10.47 -12.23
C THR D 98 -30.56 9.97 -11.50
N VAL D 99 -30.71 9.52 -10.27
CA VAL D 99 -29.60 9.11 -9.42
C VAL D 99 -29.38 7.63 -9.63
N LYS D 100 -28.12 7.23 -9.77
CA LYS D 100 -27.81 5.84 -10.07
C LYS D 100 -28.15 4.93 -8.90
N SER D 101 -28.67 3.76 -9.23
CA SER D 101 -29.27 2.89 -8.24
C SER D 101 -28.28 2.59 -7.12
N GLY D 102 -28.76 2.72 -5.88
CA GLY D 102 -27.92 2.57 -4.71
C GLY D 102 -27.23 3.83 -4.27
N THR D 103 -27.20 4.87 -5.11
CA THR D 103 -26.57 6.14 -4.77
C THR D 103 -27.56 7.14 -4.20
N PHE D 104 -28.83 6.76 -4.03
CA PHE D 104 -29.84 7.62 -3.43
C PHE D 104 -30.06 7.14 -1.99
N GLN D 105 -29.49 7.85 -1.03
CA GLN D 105 -29.46 7.41 0.35
C GLN D 105 -29.94 8.52 1.28
N ALA D 106 -30.78 8.15 2.22
CA ALA D 106 -31.16 9.05 3.30
C ALA D 106 -30.00 9.18 4.28
N GLN D 107 -29.60 10.42 4.55
CA GLN D 107 -28.37 10.72 5.27
C GLN D 107 -28.58 11.37 6.63
N GLU D 108 -29.55 12.27 6.77
CA GLU D 108 -29.78 12.94 8.03
C GLU D 108 -31.27 13.17 8.23
N LYS D 109 -31.71 13.09 9.48
CA LYS D 109 -33.08 13.44 9.83
C LYS D 109 -33.19 13.62 11.33
N GLU D 110 -34.09 14.50 11.74
CA GLU D 110 -34.39 14.67 13.15
C GLU D 110 -34.74 13.33 13.78
N LEU D 111 -34.47 13.19 15.08
CA LEU D 111 -34.88 12.01 15.81
C LEU D 111 -36.30 12.25 16.30
N VAL D 112 -37.23 11.37 15.95
CA VAL D 112 -38.64 11.66 16.17
C VAL D 112 -39.28 10.54 16.96
N PHE D 113 -40.24 10.91 17.79
CA PHE D 113 -41.02 9.97 18.57
C PHE D 113 -42.50 10.26 18.35
N ASP D 114 -43.30 9.20 18.21
CA ASP D 114 -44.75 9.31 18.09
C ASP D 114 -45.38 8.55 19.25
N ILE D 115 -46.12 9.27 20.09
CA ILE D 115 -46.89 8.67 21.17
C ILE D 115 -48.35 8.84 20.84
N ASP D 116 -49.07 7.72 20.79
CA ASP D 116 -50.44 7.67 20.28
C ASP D 116 -51.35 7.06 21.34
N MET D 117 -52.41 7.78 21.69
CA MET D 117 -53.30 7.29 22.75
C MET D 117 -53.85 5.91 22.40
N THR D 118 -54.04 5.61 21.11
CA THR D 118 -54.60 4.32 20.75
C THR D 118 -53.76 3.17 21.28
N ASP D 119 -52.45 3.38 21.48
CA ASP D 119 -51.59 2.32 21.96
C ASP D 119 -51.77 2.06 23.46
N TYR D 120 -52.57 2.88 24.14
CA TYR D 120 -52.85 2.76 25.56
C TYR D 120 -54.22 2.14 25.81
N ASP D 121 -54.86 1.59 24.77
CA ASP D 121 -56.26 1.23 24.89
C ASP D 121 -56.50 0.15 25.92
N ASP D 122 -55.60 -0.83 26.02
CA ASP D 122 -55.79 -1.92 26.96
C ASP D 122 -55.68 -1.48 28.42
N VAL D 123 -55.35 -0.22 28.69
CA VAL D 123 -55.07 0.22 30.05
C VAL D 123 -55.80 1.51 30.41
N ARG D 124 -56.66 2.01 29.53
CA ARG D 124 -57.51 3.14 29.87
C ARG D 124 -58.99 2.75 29.83
N ARG D 125 -59.76 3.38 30.71
CA ARG D 125 -61.16 3.02 30.93
C ARG D 125 -62.16 4.09 30.54
N CYS D 126 -61.72 5.33 30.33
CA CYS D 126 -62.65 6.41 30.06
C CYS D 126 -63.08 6.44 28.60
N CYS D 127 -62.15 6.16 27.69
CA CYS D 127 -62.39 6.25 26.25
C CYS D 127 -61.84 5.00 25.59
N SER D 128 -62.05 4.91 24.27
CA SER D 128 -61.48 3.83 23.48
C SER D 128 -61.22 4.34 22.07
N SER D 129 -60.35 3.61 21.36
CA SER D 129 -60.01 3.93 19.98
C SER D 129 -59.55 5.39 19.89
N ALA D 130 -60.21 6.22 19.09
CA ALA D 130 -59.76 7.58 18.84
C ALA D 130 -60.43 8.59 19.77
N ASP D 131 -61.23 8.15 20.73
CA ASP D 131 -61.82 9.06 21.68
C ASP D 131 -60.80 9.45 22.74
N ILE D 132 -60.78 10.75 23.08
CA ILE D 132 -59.97 11.26 24.18
C ILE D 132 -60.83 12.16 25.05
N CYS D 133 -60.42 12.31 26.30
CA CYS D 133 -61.15 13.12 27.26
C CYS D 133 -60.14 13.69 28.24
N PRO D 134 -60.55 14.66 29.05
CA PRO D 134 -59.61 15.25 30.03
C PRO D 134 -59.11 14.25 31.03
N LYS D 135 -59.82 13.16 31.25
CA LYS D 135 -59.43 12.17 32.25
C LYS D 135 -58.28 11.31 31.78
N CYS D 136 -58.09 11.16 30.46
CA CYS D 136 -57.00 10.35 29.94
C CYS D 136 -55.82 11.16 29.42
N TRP D 137 -56.00 12.44 29.14
CA TRP D 137 -54.91 13.20 28.56
C TRP D 137 -53.71 13.27 29.49
N THR D 138 -53.92 13.12 30.80
CA THR D 138 -52.80 13.13 31.74
C THR D 138 -51.73 12.12 31.35
N LEU D 139 -52.11 11.05 30.66
CA LEU D 139 -51.10 10.09 30.22
C LEU D 139 -50.09 10.76 29.31
N MET D 140 -50.58 11.46 28.29
CA MET D 140 -49.67 12.24 27.47
C MET D 140 -48.88 13.21 28.33
N THR D 141 -49.56 13.88 29.28
CA THR D 141 -48.85 14.80 30.14
C THR D 141 -47.69 14.11 30.85
N ILE D 142 -47.88 12.86 31.25
CA ILE D 142 -46.79 12.12 31.87
C ILE D 142 -45.70 11.85 30.85
N ALA D 143 -46.07 11.33 29.68
CA ALA D 143 -45.08 10.91 28.71
C ALA D 143 -44.11 12.04 28.40
N VAL D 144 -44.65 13.21 28.06
CA VAL D 144 -43.80 14.31 27.65
C VAL D 144 -42.76 14.60 28.72
N ARG D 145 -43.15 14.51 29.98
CA ARG D 145 -42.19 14.77 31.05
C ARG D 145 -41.20 13.62 31.18
N ILE D 146 -41.69 12.37 31.15
CA ILE D 146 -40.80 11.24 31.33
C ILE D 146 -39.77 11.20 30.20
N LEU D 147 -40.23 11.29 28.95
CA LEU D 147 -39.31 11.20 27.82
C LEU D 147 -38.42 12.43 27.74
N ASP D 148 -39.01 13.62 27.75
CA ASP D 148 -38.22 14.82 27.48
C ASP D 148 -37.10 14.97 28.49
N ARG D 149 -37.37 14.59 29.74
CA ARG D 149 -36.32 14.65 30.74
C ARG D 149 -35.16 13.77 30.35
N ALA D 150 -35.43 12.52 29.98
CA ALA D 150 -34.36 11.67 29.51
C ALA D 150 -33.60 12.35 28.39
N LEU D 151 -34.33 12.87 27.40
CA LEU D 151 -33.65 13.43 26.23
C LEU D 151 -32.81 14.62 26.61
N ALA D 152 -33.15 15.30 27.72
CA ALA D 152 -32.37 16.45 28.15
C ALA D 152 -31.28 16.09 29.14
N GLU D 153 -31.35 14.92 29.76
CA GLU D 153 -30.40 14.56 30.80
C GLU D 153 -29.54 13.35 30.42
N ASP D 154 -30.14 12.27 29.91
CA ASP D 154 -29.34 11.09 29.60
C ASP D 154 -28.57 11.24 28.30
N PHE D 155 -29.20 11.85 27.29
CA PHE D 155 -28.61 11.94 25.96
C PHE D 155 -28.06 13.33 25.64
N GLY D 156 -28.48 14.35 26.36
CA GLY D 156 -27.96 15.67 26.15
C GLY D 156 -28.46 16.37 24.90
N PHE D 157 -29.63 15.96 24.41
CA PHE D 157 -30.25 16.65 23.28
C PHE D 157 -30.88 17.94 23.77
N LYS D 158 -30.51 19.06 23.12
CA LYS D 158 -30.82 20.39 23.62
C LYS D 158 -31.94 21.10 22.88
N HIS D 159 -32.29 20.68 21.66
CA HIS D 159 -33.32 21.35 20.87
C HIS D 159 -34.43 20.35 20.55
N ARG D 160 -35.51 20.43 21.33
CA ARG D 160 -36.59 19.45 21.31
C ARG D 160 -37.93 20.17 21.15
N LEU D 161 -38.64 19.86 20.09
CA LEU D 161 -39.91 20.48 19.74
C LEU D 161 -41.02 19.45 19.88
N TRP D 162 -41.92 19.67 20.83
CA TRP D 162 -43.06 18.79 21.04
C TRP D 162 -44.25 19.37 20.31
N VAL D 163 -44.98 18.53 19.58
CA VAL D 163 -46.07 18.99 18.74
C VAL D 163 -47.28 18.11 18.95
N TYR D 164 -48.44 18.73 19.05
CA TYR D 164 -49.68 17.96 19.14
C TYR D 164 -49.97 17.32 17.79
N SER D 165 -50.40 16.07 17.81
CA SER D 165 -50.56 15.33 16.56
C SER D 165 -51.87 15.68 15.87
N GLY D 166 -52.77 16.36 16.57
CA GLY D 166 -54.05 16.78 16.06
C GLY D 166 -55.22 16.03 16.66
N ARG D 167 -55.02 14.77 17.04
CA ARG D 167 -56.11 14.00 17.61
C ARG D 167 -55.73 13.11 18.77
N ARG D 168 -54.91 12.08 18.50
CA ARG D 168 -54.72 11.00 19.45
C ARG D 168 -53.43 11.08 20.26
N GLY D 169 -52.54 12.02 19.99
CA GLY D 169 -51.27 11.99 20.67
C GLY D 169 -50.35 13.11 20.29
N VAL D 170 -49.06 12.89 20.56
CA VAL D 170 -48.04 13.91 20.40
C VAL D 170 -46.81 13.35 19.72
N HIS D 171 -46.12 14.22 19.00
CA HIS D 171 -44.86 13.90 18.36
C HIS D 171 -43.76 14.72 19.02
N CYS D 172 -42.54 14.20 18.99
CA CYS D 172 -41.36 14.94 19.42
C CYS D 172 -40.32 14.93 18.32
N TRP D 173 -39.81 16.11 17.99
CA TRP D 173 -38.72 16.31 17.04
C TRP D 173 -37.49 16.76 17.81
N VAL D 174 -36.45 15.94 17.80
CA VAL D 174 -35.17 16.22 18.43
C VAL D 174 -34.22 16.60 17.31
N CYS D 175 -33.79 17.86 17.29
CA CYS D 175 -33.18 18.45 16.11
C CYS D 175 -31.71 18.85 16.30
N ASP D 176 -31.09 18.47 17.41
CA ASP D 176 -29.66 18.72 17.57
C ASP D 176 -28.90 18.14 16.39
N ASP D 177 -27.84 18.83 15.98
CA ASP D 177 -27.04 18.36 14.84
C ASP D 177 -26.57 16.93 15.08
N SER D 178 -26.17 16.62 16.31
CA SER D 178 -25.78 15.25 16.63
C SER D 178 -26.94 14.29 16.43
N ALA D 179 -28.13 14.69 16.87
CA ALA D 179 -29.29 13.81 16.73
C ALA D 179 -29.71 13.64 15.27
N ARG D 180 -29.31 14.57 14.39
CA ARG D 180 -29.67 14.43 12.99
C ARG D 180 -28.70 13.56 12.21
N LYS D 181 -27.52 13.29 12.76
CA LYS D 181 -26.53 12.45 12.09
C LYS D 181 -26.51 11.04 12.64
N LEU D 182 -27.45 10.68 13.49
CA LEU D 182 -27.44 9.35 14.09
C LEU D 182 -27.81 8.30 13.06
N SER D 183 -27.05 7.21 13.05
CA SER D 183 -27.32 6.10 12.14
C SER D 183 -28.63 5.42 12.53
N GLN D 184 -29.02 4.42 11.74
CA GLN D 184 -30.20 3.64 12.09
C GLN D 184 -29.97 2.87 13.38
N ALA D 185 -28.79 2.28 13.54
CA ALA D 185 -28.50 1.49 14.73
C ALA D 185 -28.55 2.35 15.98
N GLU D 186 -27.98 3.55 15.90
CA GLU D 186 -27.99 4.45 17.06
C GLU D 186 -29.41 4.85 17.41
N ARG D 187 -30.24 5.13 16.40
CA ARG D 187 -31.64 5.44 16.66
C ARG D 187 -32.35 4.27 17.34
N SER D 188 -32.12 3.05 16.85
CA SER D 188 -32.78 1.90 17.47
C SER D 188 -32.31 1.74 18.91
N ALA D 189 -31.02 1.98 19.15
CA ALA D 189 -30.52 1.93 20.53
C ALA D 189 -31.21 2.96 21.41
N VAL D 190 -31.36 4.19 20.91
CA VAL D 190 -32.01 5.22 21.69
C VAL D 190 -33.45 4.83 21.99
N ALA D 191 -34.15 4.30 21.00
CA ALA D 191 -35.54 3.91 21.20
C ALA D 191 -35.66 2.80 22.23
N GLU D 192 -34.82 1.78 22.13
CA GLU D 192 -34.90 0.67 23.07
C GLU D 192 -34.51 1.10 24.48
N TYR D 193 -33.56 2.03 24.61
CA TYR D 193 -33.20 2.52 25.93
C TYR D 193 -34.38 3.20 26.60
N LEU D 194 -35.14 3.98 25.83
CA LEU D 194 -36.26 4.72 26.39
C LEU D 194 -37.48 3.84 26.60
N SER D 195 -37.48 2.61 26.10
CA SER D 195 -38.68 1.79 26.01
C SER D 195 -38.68 0.77 27.15
N VAL D 196 -39.80 0.70 27.86
CA VAL D 196 -39.95 -0.19 29.01
C VAL D 196 -41.14 -1.14 28.83
N VAL D 197 -42.30 -0.59 28.44
CA VAL D 197 -43.51 -1.40 28.29
C VAL D 197 -43.37 -2.18 26.99
N LYS D 198 -43.00 -3.45 27.10
CA LYS D 198 -42.76 -4.31 25.95
C LYS D 198 -43.81 -5.40 25.92
N GLY D 199 -44.41 -5.61 24.75
CA GLY D 199 -45.38 -6.67 24.55
C GLY D 199 -46.61 -6.19 23.81
N GLY D 200 -47.39 -7.16 23.36
CA GLY D 200 -48.58 -6.93 22.57
C GLY D 200 -49.85 -7.09 23.37
N GLU D 201 -50.94 -7.38 22.65
CA GLU D 201 -52.23 -7.61 23.29
C GLU D 201 -52.32 -9.00 23.92
N GLU D 202 -51.41 -9.91 23.57
CA GLU D 202 -51.44 -11.28 24.07
C GLU D 202 -50.69 -11.46 25.37
N THR D 203 -50.02 -10.43 25.88
CA THR D 203 -49.25 -10.51 27.11
C THR D 203 -49.94 -9.67 28.18
N ILE D 204 -49.99 -10.21 29.40
CA ILE D 204 -50.63 -9.53 30.52
C ILE D 204 -49.62 -8.71 31.32
N LYS D 205 -48.51 -9.33 31.70
CA LYS D 205 -47.46 -8.65 32.44
C LYS D 205 -46.43 -8.13 31.45
N LYS D 206 -46.44 -6.81 31.23
CA LYS D 206 -45.59 -6.20 30.21
C LYS D 206 -44.35 -5.53 30.78
N VAL D 207 -44.20 -5.48 32.10
CA VAL D 207 -43.03 -4.87 32.74
C VAL D 207 -42.49 -5.87 33.76
N GLN D 208 -41.21 -6.22 33.62
CA GLN D 208 -40.53 -7.12 34.56
C GLN D 208 -39.21 -6.47 34.90
N LEU D 209 -39.21 -5.61 35.92
CA LEU D 209 -37.99 -4.94 36.32
C LEU D 209 -37.06 -5.92 37.02
N PRO D 210 -35.75 -5.72 36.93
CA PRO D 210 -34.82 -6.55 37.67
C PRO D 210 -34.75 -6.10 39.13
N GLU D 211 -33.90 -6.79 39.90
CA GLU D 211 -33.73 -6.40 41.29
C GLU D 211 -33.16 -4.99 41.39
N THR D 212 -32.20 -4.66 40.55
CA THR D 212 -31.61 -3.33 40.51
C THR D 212 -32.44 -2.44 39.59
N ILE D 213 -32.86 -1.29 40.10
CA ILE D 213 -33.59 -0.30 39.33
C ILE D 213 -32.57 0.62 38.67
N HIS D 214 -32.53 0.60 37.35
CA HIS D 214 -31.63 1.49 36.63
C HIS D 214 -32.02 2.94 36.90
N PRO D 215 -31.06 3.83 37.14
CA PRO D 215 -31.41 5.22 37.46
C PRO D 215 -32.49 5.82 36.57
N PHE D 216 -32.46 5.52 35.26
CA PHE D 216 -33.49 6.05 34.38
C PHE D 216 -34.87 5.60 34.82
N ILE D 217 -34.99 4.33 35.23
CA ILE D 217 -36.29 3.82 35.64
C ILE D 217 -36.70 4.44 36.96
N GLY D 218 -35.73 4.70 37.84
CA GLY D 218 -36.04 5.39 39.08
C GLY D 218 -36.59 6.78 38.83
N LYS D 219 -35.98 7.51 37.89
CA LYS D 219 -36.45 8.87 37.61
C LYS D 219 -37.77 8.85 36.88
N SER D 220 -38.03 7.82 36.07
CA SER D 220 -39.32 7.73 35.42
C SER D 220 -40.41 7.39 36.43
N LEU D 221 -40.11 6.54 37.40
CA LEU D 221 -41.07 6.24 38.45
C LEU D 221 -41.30 7.46 39.34
N LYS D 222 -40.24 8.23 39.61
CA LYS D 222 -40.42 9.45 40.38
C LYS D 222 -41.36 10.41 39.66
N MET D 223 -41.17 10.59 38.36
CA MET D 223 -42.08 11.44 37.60
C MET D 223 -43.49 10.87 37.62
N VAL D 224 -43.62 9.55 37.50
CA VAL D 224 -44.95 8.95 37.47
C VAL D 224 -45.67 9.19 38.79
N GLU D 225 -44.96 9.05 39.91
CA GLU D 225 -45.59 9.11 41.22
C GLU D 225 -46.33 10.44 41.40
N ARG D 226 -45.72 11.54 40.99
CA ARG D 226 -46.34 12.85 41.19
C ARG D 226 -47.77 12.87 40.65
N TYR D 227 -48.01 12.21 39.52
CA TYR D 227 -49.30 12.24 38.87
C TYR D 227 -50.17 11.03 39.18
N PHE D 228 -49.58 9.94 39.64
CA PHE D 228 -50.30 8.66 39.69
C PHE D 228 -51.56 8.76 40.51
N GLU D 229 -51.50 9.40 41.68
CA GLU D 229 -52.68 9.44 42.54
C GLU D 229 -53.86 10.09 41.82
N LYS D 230 -53.62 11.22 41.15
CA LYS D 230 -54.71 11.87 40.44
C LYS D 230 -55.16 11.05 39.23
N TYR D 231 -54.21 10.57 38.42
CA TYR D 231 -54.58 9.93 37.17
C TYR D 231 -55.28 8.59 37.43
N ALA D 232 -54.67 7.73 38.23
CA ALA D 232 -55.07 6.34 38.31
C ALA D 232 -56.06 6.11 39.45
N LEU D 233 -55.88 6.78 40.57
CA LEU D 233 -56.68 6.52 41.75
C LEU D 233 -57.90 7.42 41.85
N VAL D 234 -57.83 8.62 41.27
CA VAL D 234 -58.95 9.55 41.32
C VAL D 234 -59.69 9.51 39.99
N ASP D 235 -59.00 9.84 38.91
CA ASP D 235 -59.67 9.99 37.62
C ASP D 235 -60.01 8.65 37.00
N GLN D 236 -58.99 7.85 36.69
CA GLN D 236 -59.23 6.58 36.01
C GLN D 236 -59.99 5.59 36.88
N ASP D 237 -59.74 5.61 38.19
CA ASP D 237 -60.43 4.72 39.11
C ASP D 237 -60.23 3.27 38.68
N ILE D 238 -58.96 2.88 38.60
CA ILE D 238 -58.55 1.58 38.08
C ILE D 238 -58.95 0.47 39.04
N LEU D 239 -59.54 0.84 40.18
CA LEU D 239 -60.01 -0.13 41.15
C LEU D 239 -61.47 0.13 41.49
N GLU D 240 -62.24 0.63 40.52
CA GLU D 240 -63.64 0.95 40.77
C GLU D 240 -64.46 -0.28 41.11
N ASN D 241 -64.40 -1.31 40.27
CA ASN D 241 -65.18 -2.51 40.47
C ASN D 241 -64.35 -3.74 40.14
N LYS D 242 -64.97 -4.90 40.27
CA LYS D 242 -64.23 -6.15 40.15
C LYS D 242 -63.72 -6.36 38.74
N GLN D 243 -64.52 -5.98 37.73
CA GLN D 243 -64.12 -6.20 36.35
C GLN D 243 -62.79 -5.52 36.04
N CYS D 244 -62.46 -4.43 36.73
CA CYS D 244 -61.21 -3.73 36.50
C CYS D 244 -60.10 -4.16 37.44
N TRP D 245 -60.37 -4.19 38.75
CA TRP D 245 -59.30 -4.58 39.69
C TRP D 245 -58.95 -6.05 39.54
N ASP D 246 -59.77 -6.84 38.84
CA ASP D 246 -59.34 -8.19 38.50
C ASP D 246 -58.08 -8.16 37.64
N LYS D 247 -57.96 -7.16 36.77
CA LYS D 247 -56.75 -7.04 35.96
C LYS D 247 -55.53 -6.84 36.85
N VAL D 248 -55.58 -5.84 37.73
CA VAL D 248 -54.43 -5.53 38.58
C VAL D 248 -54.09 -6.73 39.46
N ILE D 249 -55.12 -7.44 39.93
CA ILE D 249 -54.87 -8.70 40.62
C ILE D 249 -54.17 -9.68 39.69
N ALA D 250 -54.58 -9.72 38.41
CA ALA D 250 -53.95 -10.57 37.41
C ALA D 250 -52.50 -10.19 37.16
N LEU D 251 -52.09 -9.01 37.59
CA LEU D 251 -50.73 -8.51 37.36
C LEU D 251 -49.81 -8.80 38.53
N VAL D 252 -50.29 -9.44 39.58
CA VAL D 252 -49.48 -9.74 40.75
C VAL D 252 -49.55 -11.24 41.00
N PRO D 253 -48.57 -11.80 41.72
CA PRO D 253 -48.57 -13.24 41.97
C PRO D 253 -49.84 -13.72 42.65
N GLU D 254 -50.22 -14.96 42.33
CA GLU D 254 -51.46 -15.51 42.84
C GLU D 254 -51.46 -15.63 44.35
N VAL D 255 -50.27 -15.73 44.95
CA VAL D 255 -50.17 -16.10 46.35
C VAL D 255 -51.00 -15.17 47.22
N ALA D 256 -50.90 -13.86 46.98
CA ALA D 256 -51.62 -12.88 47.78
C ALA D 256 -52.98 -12.51 47.17
N ARG D 257 -53.29 -13.00 45.97
CA ARG D 257 -54.50 -12.55 45.29
C ARG D 257 -55.73 -12.72 46.18
N GLU D 258 -55.93 -13.92 46.72
CA GLU D 258 -57.06 -14.13 47.63
C GLU D 258 -57.02 -13.13 48.77
N SER D 259 -55.86 -12.99 49.41
CA SER D 259 -55.73 -12.05 50.51
C SER D 259 -56.18 -10.65 50.09
N LEU D 260 -55.90 -10.28 48.84
CA LEU D 260 -56.32 -8.97 48.36
C LEU D 260 -57.83 -8.91 48.15
N LEU D 261 -58.41 -9.97 47.58
CA LEU D 261 -59.82 -9.90 47.19
C LEU D 261 -60.69 -9.52 48.37
N ARG D 262 -60.57 -10.26 49.48
CA ARG D 262 -61.34 -9.94 50.67
C ARG D 262 -61.13 -8.49 51.08
N GLU D 263 -59.88 -8.04 51.06
CA GLU D 263 -59.61 -6.64 51.38
C GLU D 263 -60.34 -5.70 50.43
N PHE D 264 -60.31 -6.02 49.14
CA PHE D 264 -61.01 -5.18 48.17
C PHE D 264 -62.52 -5.27 48.35
N SER D 265 -63.02 -6.26 49.08
CA SER D 265 -64.44 -6.32 49.39
C SER D 265 -64.82 -5.39 50.53
N LYS D 266 -63.85 -4.92 51.32
CA LYS D 266 -64.11 -4.04 52.45
C LYS D 266 -63.67 -2.61 52.21
N ALA D 267 -63.15 -2.29 51.02
CA ALA D 267 -62.68 -0.94 50.71
C ALA D 267 -63.75 -0.19 49.93
N ARG D 268 -63.93 1.09 50.26
CA ARG D 268 -64.91 1.93 49.59
C ARG D 268 -64.30 2.83 48.52
N SER D 269 -63.01 3.14 48.63
CA SER D 269 -62.35 4.05 47.69
C SER D 269 -61.11 3.38 47.10
N SER D 270 -60.86 3.66 45.82
CA SER D 270 -59.72 3.07 45.14
C SER D 270 -58.41 3.54 45.74
N VAL D 271 -58.39 4.74 46.34
CA VAL D 271 -57.21 5.16 47.09
C VAL D 271 -56.99 4.24 48.28
N GLU D 272 -58.06 3.91 48.98
CA GLU D 272 -57.96 2.93 50.06
C GLU D 272 -57.48 1.58 49.53
N ARG D 273 -58.01 1.16 48.38
CA ARG D 273 -57.58 -0.12 47.82
C ARG D 273 -56.10 -0.09 47.44
N TRP D 274 -55.62 1.04 46.94
CA TRP D 274 -54.20 1.15 46.62
C TRP D 274 -53.36 1.07 47.88
N ASP D 275 -53.79 1.77 48.93
CA ASP D 275 -53.07 1.68 50.20
C ASP D 275 -53.01 0.23 50.68
N LYS D 276 -54.14 -0.48 50.60
CA LYS D 276 -54.18 -1.87 51.04
C LYS D 276 -53.26 -2.74 50.20
N LEU D 277 -53.28 -2.54 48.88
CA LEU D 277 -52.42 -3.33 48.00
C LEU D 277 -50.96 -3.08 48.30
N SER D 278 -50.58 -1.81 48.50
CA SER D 278 -49.20 -1.50 48.83
C SER D 278 -48.79 -2.13 50.15
N SER D 279 -49.66 -2.06 51.16
CA SER D 279 -49.35 -2.67 52.44
C SER D 279 -49.18 -4.18 52.31
N CYS D 280 -50.10 -4.83 51.61
CA CYS D 280 -50.02 -6.28 51.45
C CYS D 280 -48.76 -6.68 50.71
N LEU D 281 -48.41 -5.96 49.64
CA LEU D 281 -47.20 -6.29 48.90
C LEU D 281 -45.97 -6.07 49.77
N GLU D 282 -45.94 -4.98 50.54
CA GLU D 282 -44.81 -4.74 51.44
C GLU D 282 -44.67 -5.87 52.44
N ALA D 283 -45.78 -6.33 53.01
CA ALA D 283 -45.72 -7.43 53.95
C ALA D 283 -45.20 -8.69 53.27
N THR D 284 -45.63 -8.95 52.04
CA THR D 284 -45.19 -10.13 51.30
C THR D 284 -43.78 -9.92 50.76
N ARG D 289 -39.34 -10.26 49.68
CA ARG D 289 -39.12 -8.85 49.37
C ARG D 289 -38.85 -8.65 47.89
N ARG D 290 -38.57 -9.75 47.18
CA ARG D 290 -38.29 -9.64 45.75
C ARG D 290 -39.45 -9.03 44.99
N TYR D 291 -40.65 -9.09 45.55
CA TYR D 291 -41.84 -8.48 44.95
C TYR D 291 -42.04 -7.03 45.37
N SER D 292 -41.06 -6.43 46.05
CA SER D 292 -41.20 -5.05 46.50
C SER D 292 -41.33 -4.07 45.35
N ASN D 293 -40.96 -4.48 44.14
CA ASN D 293 -41.07 -3.63 42.96
C ASN D 293 -42.35 -3.85 42.17
N ILE D 294 -43.19 -4.80 42.61
CA ILE D 294 -44.42 -5.09 41.86
C ILE D 294 -45.30 -3.86 41.74
N PRO D 295 -45.52 -3.05 42.78
CA PRO D 295 -46.34 -1.84 42.57
C PRO D 295 -45.75 -0.94 41.51
N LYS D 296 -44.43 -0.85 41.43
CA LYS D 296 -43.79 -0.04 40.41
C LYS D 296 -44.08 -0.61 39.03
N GLU D 297 -44.06 -1.94 38.90
CA GLU D 297 -44.37 -2.56 37.63
C GLU D 297 -45.82 -2.26 37.22
N ILE D 298 -46.73 -2.21 38.18
CA ILE D 298 -48.12 -1.88 37.86
C ILE D 298 -48.23 -0.42 37.44
N MET D 299 -47.56 0.46 38.16
CA MET D 299 -47.61 1.88 37.81
C MET D 299 -47.07 2.09 36.41
N LEU D 300 -45.94 1.47 36.10
CA LEU D 300 -45.37 1.60 34.76
C LEU D 300 -46.34 1.05 33.71
N GLN D 301 -46.92 -0.12 33.97
CA GLN D 301 -47.83 -0.70 32.99
C GLN D 301 -49.06 0.17 32.78
N PHE D 302 -49.38 1.05 33.73
CA PHE D 302 -50.49 1.97 33.55
C PHE D 302 -50.10 3.39 33.17
N CYS D 303 -48.81 3.74 33.20
CA CYS D 303 -48.40 5.13 33.01
C CYS D 303 -47.22 5.34 32.07
N TYR D 304 -46.37 4.35 31.84
CA TYR D 304 -45.17 4.62 31.07
C TYR D 304 -45.50 4.70 29.57
N PRO D 305 -44.82 5.57 28.83
CA PRO D 305 -45.13 5.71 27.40
C PRO D 305 -44.80 4.45 26.60
N ARG D 306 -45.62 4.22 25.57
CA ARG D 306 -45.38 3.16 24.60
C ARG D 306 -44.84 3.77 23.31
N LEU D 307 -43.75 3.21 22.80
CA LEU D 307 -43.02 3.74 21.66
C LEU D 307 -42.95 2.71 20.55
N ASP D 308 -43.37 3.10 19.35
CA ASP D 308 -43.26 2.22 18.18
C ASP D 308 -41.86 2.38 17.63
N VAL D 309 -41.01 1.38 17.90
CA VAL D 309 -39.62 1.48 17.50
C VAL D 309 -39.48 1.62 15.99
N ASN D 310 -40.48 1.21 15.23
CA ASN D 310 -40.44 1.36 13.78
C ASN D 310 -40.55 2.81 13.36
N VAL D 311 -41.25 3.62 14.15
CA VAL D 311 -41.38 5.05 13.84
C VAL D 311 -40.03 5.74 13.95
N SER D 312 -39.22 5.39 14.95
CA SER D 312 -38.01 6.13 15.24
C SER D 312 -36.76 5.46 14.68
N LYS D 313 -36.84 4.17 14.35
CA LYS D 313 -35.66 3.46 13.86
C LYS D 313 -35.27 3.91 12.46
N GLY D 314 -36.22 3.97 11.55
CA GLY D 314 -35.91 4.20 10.15
C GLY D 314 -35.66 5.66 9.83
N LEU D 315 -34.62 5.90 9.04
CA LEU D 315 -34.28 7.25 8.63
C LEU D 315 -35.29 7.80 7.62
N ASN D 316 -35.89 6.93 6.81
CA ASN D 316 -36.76 7.36 5.74
C ASN D 316 -38.22 7.52 6.17
N HIS D 317 -38.46 7.75 7.45
CA HIS D 317 -39.83 7.81 7.96
C HIS D 317 -40.42 9.19 7.75
N LEU D 318 -41.62 9.23 7.18
CA LEU D 318 -42.36 10.45 6.92
C LEU D 318 -43.33 10.69 8.08
N LEU D 319 -43.16 11.79 8.79
CA LEU D 319 -44.01 12.11 9.93
C LEU D 319 -44.75 13.41 9.69
N LYS D 320 -45.98 13.46 10.21
CA LYS D 320 -46.84 14.63 10.12
C LYS D 320 -46.08 15.92 10.39
N SER D 321 -46.22 16.88 9.48
CA SER D 321 -45.54 18.15 9.62
C SER D 321 -46.20 18.99 10.71
N PRO D 322 -45.42 19.77 11.47
CA PRO D 322 -46.02 20.77 12.34
C PRO D 322 -46.89 21.73 11.56
N PHE D 323 -47.90 22.27 12.24
CA PHE D 323 -48.85 23.21 11.65
C PHE D 323 -49.64 22.59 10.51
N SER D 324 -49.75 21.26 10.51
CA SER D 324 -50.67 20.57 9.63
C SER D 324 -52.09 20.70 10.17
N VAL D 325 -53.05 20.32 9.35
CA VAL D 325 -54.46 20.34 9.69
C VAL D 325 -54.93 18.89 9.73
N HIS D 326 -55.54 18.51 10.84
CA HIS D 326 -56.00 17.14 11.01
C HIS D 326 -57.22 16.88 10.13
N PRO D 327 -57.16 15.93 9.19
CA PRO D 327 -58.28 15.71 8.27
C PRO D 327 -59.64 15.49 8.93
N LYS D 328 -59.68 15.16 10.20
CA LYS D 328 -60.94 14.82 10.85
C LYS D 328 -61.32 15.78 11.96
N THR D 329 -60.40 16.08 12.88
CA THR D 329 -60.71 17.03 13.94
C THR D 329 -60.59 18.47 13.46
N GLY D 330 -59.75 18.71 12.46
CA GLY D 330 -59.50 20.04 11.96
C GLY D 330 -58.55 20.86 12.80
N ARG D 331 -58.10 20.32 13.93
CA ARG D 331 -57.19 21.03 14.82
C ARG D 331 -55.84 21.23 14.15
N ILE D 332 -55.13 22.27 14.56
CA ILE D 332 -53.80 22.54 14.01
C ILE D 332 -52.78 21.83 14.89
N SER D 333 -51.83 21.14 14.25
CA SER D 333 -50.71 20.54 14.94
C SER D 333 -49.80 21.62 15.50
N VAL D 334 -50.09 22.08 16.71
CA VAL D 334 -49.42 23.25 17.26
C VAL D 334 -48.33 22.80 18.22
N PRO D 335 -47.21 23.51 18.31
CA PRO D 335 -46.20 23.16 19.30
C PRO D 335 -46.71 23.35 20.72
N ILE D 336 -46.17 22.55 21.63
CA ILE D 336 -46.57 22.57 23.02
C ILE D 336 -45.41 23.13 23.82
N ASP D 337 -45.67 24.17 24.60
CA ASP D 337 -44.62 24.74 25.44
C ASP D 337 -44.37 23.82 26.63
N CYS D 338 -43.11 23.44 26.82
CA CYS D 338 -42.79 22.47 27.86
C CYS D 338 -43.14 23.00 29.23
N LYS D 339 -42.85 24.28 29.49
CA LYS D 339 -43.14 24.85 30.81
C LYS D 339 -44.64 24.85 31.09
N LYS D 340 -45.44 25.29 30.12
CA LYS D 340 -46.88 25.37 30.27
C LYS D 340 -47.58 24.06 29.94
N LEU D 341 -46.86 22.94 29.99
CA LEU D 341 -47.45 21.66 29.62
C LEU D 341 -48.68 21.37 30.46
N ASP D 342 -48.64 21.66 31.75
CA ASP D 342 -49.77 21.31 32.61
C ASP D 342 -51.04 22.06 32.22
N GLN D 343 -50.92 23.13 31.45
CA GLN D 343 -52.06 23.93 31.05
C GLN D 343 -52.56 23.58 29.66
N PHE D 344 -51.84 22.71 28.95
CA PHE D 344 -52.19 22.34 27.59
C PHE D 344 -53.51 21.58 27.55
N ASP D 345 -54.34 21.94 26.58
CA ASP D 345 -55.70 21.40 26.46
C ASP D 345 -55.90 21.02 25.00
N PRO D 346 -55.98 19.74 24.66
CA PRO D 346 -56.07 19.36 23.23
C PRO D 346 -57.40 19.71 22.61
N PHE D 347 -58.36 20.19 23.40
CA PHE D 347 -59.69 20.50 22.90
C PHE D 347 -59.85 21.98 22.58
N SER D 348 -58.96 22.81 23.13
CA SER D 348 -58.91 24.23 22.82
C SER D 348 -57.95 24.55 21.68
N VAL D 349 -57.31 23.53 21.10
CA VAL D 349 -56.37 23.78 20.01
C VAL D 349 -57.13 24.39 18.85
N PRO D 350 -56.65 25.48 18.24
CA PRO D 350 -57.39 26.10 17.14
C PRO D 350 -57.69 25.10 16.03
N THR D 351 -58.93 25.13 15.55
CA THR D 351 -59.28 24.42 14.34
C THR D 351 -59.15 25.34 13.14
N ILE D 352 -59.09 24.73 11.95
CA ILE D 352 -58.92 25.53 10.74
C ILE D 352 -60.14 26.41 10.52
N SER D 353 -61.33 25.92 10.88
CA SER D 353 -62.53 26.71 10.67
C SER D 353 -62.55 27.93 11.57
N LEU D 354 -62.14 27.76 12.83
CA LEU D 354 -62.08 28.91 13.74
C LEU D 354 -61.09 29.95 13.24
N ILE D 355 -59.94 29.52 12.75
CA ILE D 355 -58.93 30.50 12.34
C ILE D 355 -59.25 31.12 11.00
N CYS D 356 -60.08 30.49 10.18
CA CYS D 356 -60.57 31.17 8.98
C CYS D 356 -61.68 32.15 9.31
N SER D 357 -62.54 31.81 10.27
CA SER D 357 -63.49 32.80 10.76
C SER D 357 -62.76 34.00 11.34
N GLU D 358 -61.71 33.76 12.12
CA GLU D 358 -60.94 34.87 12.67
C GLU D 358 -60.26 35.67 11.57
N LEU D 359 -59.77 34.99 10.54
CA LEU D 359 -59.06 35.71 9.49
C LEU D 359 -60.01 36.62 8.72
N ASP D 360 -61.21 36.12 8.41
CA ASP D 360 -62.19 36.92 7.68
C ASP D 360 -63.01 37.82 8.62
N ASN D 361 -62.34 38.47 9.57
CA ASN D 361 -63.03 39.33 10.53
C ASN D 361 -62.29 40.63 10.78
N VAL D 362 -61.20 40.89 10.08
CA VAL D 362 -60.42 42.10 10.30
C VAL D 362 -60.06 42.74 8.96
N ARG D 382 -49.17 42.41 6.27
CA ARG D 382 -49.24 41.20 5.45
C ARG D 382 -48.59 40.04 6.18
N THR D 383 -47.38 40.27 6.67
CA THR D 383 -46.61 39.23 7.34
C THR D 383 -47.02 39.05 8.80
N ARG D 384 -48.07 39.75 9.24
CA ARG D 384 -48.47 39.80 10.64
C ARG D 384 -49.94 39.44 10.79
N ASP D 385 -50.54 38.85 9.75
CA ASP D 385 -51.95 38.51 9.80
C ASP D 385 -52.22 37.47 10.88
N TYR D 386 -51.31 36.51 11.03
CA TYR D 386 -51.51 35.43 11.98
C TYR D 386 -51.52 35.93 13.41
N LYS D 387 -50.89 37.08 13.68
CA LYS D 387 -50.91 37.63 15.02
C LYS D 387 -52.32 38.04 15.45
N ARG D 388 -53.27 38.12 14.51
CA ARG D 388 -54.64 38.48 14.85
C ARG D 388 -55.53 37.27 15.10
N THR D 389 -54.98 36.05 15.04
CA THR D 389 -55.73 34.83 15.28
C THR D 389 -55.30 34.22 16.61
N SER D 390 -55.98 33.13 16.99
CA SER D 390 -55.61 32.39 18.18
C SER D 390 -54.41 31.49 17.97
N LEU D 391 -53.86 31.47 16.76
CA LEU D 391 -52.66 30.71 16.43
C LEU D 391 -51.39 31.37 16.94
N ALA D 392 -51.46 32.64 17.33
CA ALA D 392 -50.25 33.41 17.57
C ALA D 392 -49.35 32.83 18.66
N PRO D 393 -49.85 32.48 19.85
CA PRO D 393 -48.92 32.00 20.89
C PRO D 393 -48.17 30.73 20.51
N TYR D 394 -48.74 29.93 19.62
CA TYR D 394 -48.07 28.69 19.23
C TYR D 394 -46.96 28.96 18.23
N ILE D 395 -47.21 29.88 17.29
CA ILE D 395 -46.13 30.35 16.44
C ILE D 395 -45.06 31.03 17.29
N LYS D 396 -45.45 31.66 18.40
CA LYS D 396 -44.47 32.28 19.27
C LYS D 396 -43.58 31.23 19.93
N VAL D 397 -44.17 30.15 20.41
CA VAL D 397 -43.36 29.07 20.99
C VAL D 397 -42.41 28.51 19.94
N PHE D 398 -42.93 28.31 18.72
CA PHE D 398 -42.06 27.82 17.64
C PHE D 398 -40.93 28.80 17.36
N GLU D 399 -41.21 30.10 17.43
CA GLU D 399 -40.19 31.10 17.15
C GLU D 399 -39.13 31.09 18.24
N GLN D 400 -39.54 30.88 19.49
CA GLN D 400 -38.57 30.76 20.58
C GLN D 400 -37.69 29.55 20.38
N PHE D 401 -38.28 28.41 19.99
CA PHE D 401 -37.49 27.21 19.74
C PHE D 401 -36.49 27.45 18.60
N LEU D 402 -36.93 28.12 17.54
CA LEU D 402 -36.02 28.42 16.45
C LEU D 402 -34.94 29.41 16.86
N ASP D 403 -35.28 30.35 17.75
CA ASP D 403 -34.29 31.27 18.26
C ASP D 403 -33.22 30.52 19.04
N LYS D 404 -33.63 29.56 19.85
CA LYS D 404 -32.65 28.74 20.57
C LYS D 404 -31.76 27.98 19.59
N LEU D 405 -32.36 27.42 18.54
CA LEU D 405 -31.55 26.72 17.54
C LEU D 405 -30.55 27.67 16.88
N ASP D 406 -30.98 28.89 16.56
CA ASP D 406 -30.07 29.86 15.97
C ASP D 406 -28.94 30.23 16.91
N GLN D 407 -29.26 30.43 18.19
CA GLN D 407 -28.23 30.71 19.17
C GLN D 407 -27.22 29.58 19.23
N SER D 408 -27.70 28.33 19.17
CA SER D 408 -26.78 27.20 19.21
C SER D 408 -25.93 27.15 17.94
N ARG D 409 -26.51 27.47 16.79
CA ARG D 409 -25.75 27.46 15.54
C ARG D 409 -24.68 28.53 15.55
N LYS D 410 -24.97 29.69 16.13
CA LYS D 410 -24.00 30.77 16.20
C LYS D 410 -22.93 30.48 17.25
N GLY D 411 -23.32 30.46 18.52
CA GLY D 411 -22.39 30.18 19.60
C GLY D 411 -21.40 29.08 19.29
N GLU D 412 -21.87 28.00 18.68
CA GLU D 412 -21.00 26.91 18.29
C GLU D 412 -19.96 27.39 17.27
ZN ZN E . 43.37 -33.34 -0.38
ZN ZN F . 9.69 -24.36 -32.24
ZN ZN G . -60.65 9.60 28.28
#